data_8VUV
#
_entry.id   8VUV
#
_cell.length_a   1.00
_cell.length_b   1.00
_cell.length_c   1.00
_cell.angle_alpha   90.00
_cell.angle_beta   90.00
_cell.angle_gamma   90.00
#
_symmetry.space_group_name_H-M   'P 1'
#
loop_
_entity.id
_entity.type
_entity.pdbx_description
1 polymer 'Glutamate receptor ionotropic, NMDA 1'
2 polymer '007-168 Heavy'
3 polymer '007-168 Light'
4 polymer 'Glutamate receptor ionotropic, NMDA 2B'
#
loop_
_entity_poly.entity_id
_entity_poly.type
_entity_poly.pdbx_seq_one_letter_code
_entity_poly.pdbx_strand_id
1 'polypeptide(L)'
;DPKIVNIGAVLSTRKHEQMFREAVNQANKRHGSWKIQLNATSVTHKPNAIQMALSVCEDLISSQVYAILVSHPPTPNDHF
TPTPVSYTAGFYRIPVLGLTTRMSIYSDKSIHLSFLRTVPPYSHQSSVWFEMMRVYNWNHIILLVSDDHEGRAAQKRLET
LLEERESKAEKVLQFDPGTKNVTALLMEARELEARVIILSASEDDAATVYRAAAMLNMTGSGYVWLVGEREISGNALRYA
PDGIIGLQLINGKNESAHISDAVGVVAQAVHELLEKENITDPPRGCVGNTNIWKTGPLFKRVLMSSKYADGVTGRVEFNE
DGDRKFAQYSIMNLQNRKLVQVGIYNGTHVIPNDRKIIWPGGETEKPRGYQ
;
A
2 'polypeptide(L)'
;QVQLVQSGAEAKKPGESLKISCKASGYSFTTFWIGWVRQMPGSGLEWIGIIYPGDSDTRYSPSFQGHVTISADRSTSTAY
LQWSSLKASDTAMYYCARSAVFDYWGQGTLVTVSSASTKGPSVFPLAPSSGTAALGCLVKDYFPEPVTVSWNSGALTSGV
HTFPAVLQSSGLYSLSSVVTVPSSSLGTQTYICNVNHKPSNTKVDKKVEPK
;
H
3 'polypeptide(L)'
;EIVMTQSPATLSVSPGGRATLSCRASQSVSSNLAWYQQKPGQAPRLLIYGASTRATGIPVRFSGSGSGTEFTLTISSLQS
EDFAVYYCQQYNNWPTSWTFGQGTKLEIKRTAAAPSVFIFPPSDEQLKSGTASVVCLLNNFYPREAKVQWKVDNALQSGN
SQESVTEQDSKDSTYSLSSTLTLSKADYEKHKLYACEVTHQGLSSPVTKSFNRGE
;
L
4 'polypeptide(L)'
;SAPSIGIAVILVGTSDEVAIKDAHEKDDFHHLSVVPRVELVAMNETDPKSIITRICDLMSDRKIQGVVFADDTDQEAIAQ
ILDFISAQTLTPILGIHGGSSMIMADKDESSMFFQFGPSIEQQASVMLNIMEEYDWYIFSIVTTYFPGYQDFVNKIRSTI
ENSFVGWELEEVLLLDMSLDDGDSKIQNQLKKLQSPIILLYCTKEEATYIFEVANSVGLTGYGYTWIVPSLVAGDTDTVP
SEFPTGLISVSYDEWDYGLPARVRDGIAIITTAASDMLSEHSFIPEPKSSCYNTHEKRIYQSNMLNRYLINVTFEGRDLS
FSEEGYQMHPKLVIILLNKERKWERVGKWKDKSLQMK
;
B
#
# COMPACT_ATOMS: atom_id res chain seq x y z
N ASP A 1 3.59 1.24 -17.48
CA ASP A 1 2.33 0.57 -17.16
C ASP A 1 1.98 0.59 -15.67
N PRO A 2 2.87 0.16 -14.78
CA PRO A 2 2.53 0.16 -13.36
C PRO A 2 2.73 1.53 -12.73
N LYS A 3 1.86 1.83 -11.76
CA LYS A 3 1.94 3.10 -11.03
C LYS A 3 2.86 2.92 -9.83
N ILE A 4 3.99 3.64 -9.85
CA ILE A 4 4.95 3.53 -8.76
C ILE A 4 4.36 4.11 -7.50
N VAL A 5 4.49 3.39 -6.39
CA VAL A 5 3.99 3.81 -5.09
C VAL A 5 5.16 3.72 -4.11
N ASN A 6 5.90 4.81 -3.96
CA ASN A 6 7.13 4.80 -3.19
C ASN A 6 6.85 5.03 -1.71
N ILE A 7 7.56 4.28 -0.86
CA ILE A 7 7.44 4.38 0.58
C ILE A 7 8.78 4.83 1.15
N GLY A 8 8.73 5.55 2.27
CA GLY A 8 9.91 6.16 2.86
C GLY A 8 10.44 5.41 4.07
N ALA A 9 11.58 5.87 4.54
CA ALA A 9 12.23 5.28 5.72
C ALA A 9 13.26 6.26 6.25
N VAL A 10 13.17 6.57 7.54
CA VAL A 10 14.05 7.55 8.18
C VAL A 10 15.09 6.85 9.06
N LEU A 11 15.30 5.55 8.85
CA LEU A 11 16.26 4.79 9.64
C LEU A 11 17.68 5.28 9.40
N SER A 12 18.51 5.14 10.44
CA SER A 12 19.90 5.60 10.40
C SER A 12 20.81 4.45 9.97
N THR A 13 22.13 4.65 10.12
CA THR A 13 23.13 3.62 9.86
C THR A 13 23.06 3.14 8.40
N ARG A 14 23.54 4.03 7.52
CA ARG A 14 23.40 3.93 6.06
C ARG A 14 23.43 2.51 5.52
N LYS A 15 24.31 1.66 6.05
CA LYS A 15 24.28 0.24 5.69
C LYS A 15 22.87 -0.33 5.87
N HIS A 16 22.17 0.10 6.94
CA HIS A 16 20.79 -0.30 7.11
C HIS A 16 19.89 0.29 6.03
N GLU A 17 20.24 1.46 5.49
CA GLU A 17 19.46 2.01 4.38
C GLU A 17 19.60 1.16 3.12
N GLN A 18 20.83 0.71 2.82
CA GLN A 18 21.02 -0.21 1.71
C GLN A 18 20.28 -1.52 1.96
N MET A 19 20.29 -1.99 3.22
CA MET A 19 19.55 -3.19 3.57
C MET A 19 18.05 -3.02 3.34
N PHE A 20 17.52 -1.85 3.70
CA PHE A 20 16.11 -1.56 3.47
C PHE A 20 15.77 -1.51 1.98
N ARG A 21 16.67 -0.92 1.18
CA ARG A 21 16.46 -0.89 -0.26
C ARG A 21 16.43 -2.31 -0.83
N GLU A 22 17.36 -3.16 -0.38
CA GLU A 22 17.34 -4.55 -0.82
C GLU A 22 16.07 -5.26 -0.36
N ALA A 23 15.59 -4.94 0.83
CA ALA A 23 14.36 -5.54 1.33
C ALA A 23 13.17 -5.18 0.46
N VAL A 24 13.05 -3.90 0.08
CA VAL A 24 11.91 -3.52 -0.77
C VAL A 24 12.07 -4.10 -2.17
N ASN A 25 13.30 -4.20 -2.67
CA ASN A 25 13.52 -4.80 -3.98
C ASN A 25 13.14 -6.27 -3.99
N GLN A 26 13.38 -6.97 -2.87
CA GLN A 26 12.89 -8.33 -2.74
C GLN A 26 11.37 -8.35 -2.59
N ALA A 27 10.82 -7.33 -1.92
CA ALA A 27 9.38 -7.29 -1.70
C ALA A 27 8.60 -7.19 -3.00
N ASN A 28 9.05 -6.35 -3.93
CA ASN A 28 8.29 -6.23 -5.17
C ASN A 28 8.61 -7.32 -6.19
N LYS A 29 9.58 -8.19 -5.90
CA LYS A 29 9.83 -9.32 -6.79
C LYS A 29 8.80 -10.42 -6.62
N ARG A 30 8.40 -10.69 -5.37
CA ARG A 30 7.49 -11.79 -5.09
C ARG A 30 6.11 -11.55 -5.68
N HIS A 31 5.60 -10.32 -5.56
CA HIS A 31 4.23 -10.05 -5.98
C HIS A 31 4.11 -9.86 -7.49
N GLY A 32 5.00 -9.04 -8.07
CA GLY A 32 4.90 -8.71 -9.47
C GLY A 32 4.74 -7.21 -9.67
N SER A 33 5.11 -6.72 -10.85
CA SER A 33 5.13 -5.29 -11.13
C SER A 33 4.47 -4.99 -12.47
N TRP A 34 3.31 -5.58 -12.73
CA TRP A 34 2.51 -5.19 -13.88
C TRP A 34 1.45 -4.15 -13.54
N LYS A 35 1.10 -4.02 -12.28
CA LYS A 35 0.18 -2.98 -11.81
C LYS A 35 0.79 -2.09 -10.74
N ILE A 36 1.58 -2.66 -9.82
CA ILE A 36 2.19 -1.91 -8.73
C ILE A 36 3.68 -2.23 -8.71
N GLN A 37 4.51 -1.19 -8.65
CA GLN A 37 5.96 -1.32 -8.53
C GLN A 37 6.41 -0.28 -7.50
N LEU A 38 6.47 -0.69 -6.24
CA LEU A 38 6.75 0.24 -5.16
C LEU A 38 8.25 0.49 -5.03
N ASN A 39 8.62 1.77 -4.94
CA ASN A 39 10.00 2.21 -4.93
C ASN A 39 10.52 2.30 -3.49
N ALA A 40 11.70 2.93 -3.33
CA ALA A 40 12.29 3.14 -2.03
C ALA A 40 12.83 4.56 -1.94
N THR A 41 12.83 5.11 -0.74
CA THR A 41 13.35 6.47 -0.51
C THR A 41 13.76 6.58 0.95
N SER A 42 15.07 6.69 1.20
CA SER A 42 15.61 6.67 2.55
C SER A 42 16.24 8.02 2.89
N VAL A 43 16.47 8.21 4.19
CA VAL A 43 17.17 9.38 4.70
C VAL A 43 17.67 9.04 6.10
N THR A 44 18.68 9.78 6.55
CA THR A 44 19.36 9.47 7.80
C THR A 44 19.01 10.50 8.86
N HIS A 45 19.13 10.09 10.13
CA HIS A 45 18.78 10.93 11.26
C HIS A 45 19.67 12.16 11.33
N LYS A 46 19.20 13.17 12.05
CA LYS A 46 19.92 14.42 12.27
C LYS A 46 19.96 14.73 13.75
N PRO A 47 21.01 15.46 14.20
CA PRO A 47 21.18 15.69 15.65
C PRO A 47 20.01 16.41 16.31
N ASN A 48 19.69 17.61 15.85
CA ASN A 48 18.63 18.37 16.49
C ASN A 48 17.26 17.89 16.01
N ALA A 49 16.21 18.31 16.72
CA ALA A 49 14.87 17.80 16.52
C ALA A 49 14.00 18.69 15.65
N ILE A 50 14.52 19.79 15.12
CA ILE A 50 13.78 20.67 14.23
C ILE A 50 14.17 20.44 12.78
N GLN A 51 15.48 20.30 12.51
CA GLN A 51 15.91 19.95 11.17
C GLN A 51 15.40 18.58 10.76
N MET A 52 15.19 17.68 11.73
CA MET A 52 14.58 16.39 11.41
C MET A 52 13.17 16.57 10.89
N ALA A 53 12.37 17.41 11.55
CA ALA A 53 11.01 17.66 11.08
C ALA A 53 11.02 18.33 9.71
N LEU A 54 11.92 19.30 9.52
CA LEU A 54 12.00 19.97 8.22
C LEU A 54 12.39 18.98 7.12
N SER A 55 13.33 18.07 7.41
CA SER A 55 13.76 17.12 6.40
C SER A 55 12.67 16.09 6.08
N VAL A 56 11.92 15.65 7.10
CA VAL A 56 10.85 14.70 6.83
C VAL A 56 9.74 15.37 6.04
N CYS A 57 9.46 16.64 6.33
CA CYS A 57 8.52 17.39 5.49
C CYS A 57 9.04 17.50 4.06
N GLU A 58 10.34 17.74 3.89
CA GLU A 58 10.92 17.90 2.56
C GLU A 58 10.78 16.61 1.76
N ASP A 59 11.11 15.46 2.37
CA ASP A 59 11.03 14.22 1.60
C ASP A 59 9.60 13.78 1.38
N LEU A 60 8.70 14.06 2.34
CA LEU A 60 7.28 13.84 2.12
C LEU A 60 6.79 14.63 0.91
N ILE A 61 7.22 15.89 0.79
CA ILE A 61 6.84 16.69 -0.37
C ILE A 61 7.43 16.10 -1.64
N SER A 62 8.71 15.74 -1.60
CA SER A 62 9.43 15.36 -2.81
C SER A 62 9.05 13.98 -3.32
N SER A 63 8.48 13.11 -2.49
CA SER A 63 8.21 11.74 -2.91
C SER A 63 6.77 11.30 -2.78
N GLN A 64 5.90 12.09 -2.14
CA GLN A 64 4.52 11.71 -1.82
C GLN A 64 4.43 10.25 -1.37
N VAL A 65 5.17 9.95 -0.30
CA VAL A 65 5.23 8.59 0.21
C VAL A 65 3.87 8.18 0.78
N TYR A 66 3.69 6.88 0.93
CA TYR A 66 2.48 6.32 1.52
C TYR A 66 2.65 5.93 2.97
N ALA A 67 3.83 5.48 3.37
CA ALA A 67 4.10 5.11 4.75
C ALA A 67 5.56 5.37 5.05
N ILE A 68 5.86 5.53 6.34
CA ILE A 68 7.20 5.90 6.80
C ILE A 68 7.64 4.91 7.87
N LEU A 69 8.88 4.44 7.76
CA LEU A 69 9.49 3.55 8.74
C LEU A 69 10.51 4.36 9.53
N VAL A 70 10.46 4.26 10.86
CA VAL A 70 11.32 5.04 11.74
C VAL A 70 12.02 4.10 12.72
N SER A 71 13.32 4.30 12.90
CA SER A 71 14.12 3.48 13.80
C SER A 71 14.88 4.34 14.80
N HIS A 72 15.82 3.72 15.56
CA HIS A 72 16.54 4.39 16.63
C HIS A 72 17.89 4.91 16.14
N PRO A 73 18.36 6.02 16.71
CA PRO A 73 19.68 6.54 16.35
C PRO A 73 20.78 5.78 17.05
N PRO A 74 22.05 5.98 16.68
CA PRO A 74 23.16 5.33 17.38
C PRO A 74 23.62 6.04 18.64
N THR A 75 22.87 7.00 19.15
CA THR A 75 23.23 7.75 20.36
C THR A 75 22.04 7.72 21.34
N PRO A 76 21.73 6.53 21.89
CA PRO A 76 20.47 6.30 22.63
C PRO A 76 19.42 7.39 22.62
N ASN A 77 18.94 7.76 23.82
CA ASN A 77 17.89 8.77 23.98
C ASN A 77 16.67 8.43 23.14
N ASP A 78 16.30 7.15 23.13
CA ASP A 78 15.25 6.66 22.25
C ASP A 78 13.85 6.86 22.85
N HIS A 79 13.55 8.08 23.27
CA HIS A 79 12.22 8.45 23.70
C HIS A 79 11.61 9.57 22.89
N PHE A 80 12.40 10.60 22.57
CA PHE A 80 11.96 11.70 21.73
C PHE A 80 12.48 11.58 20.30
N THR A 81 12.95 10.39 19.91
CA THR A 81 13.47 10.23 18.55
C THR A 81 12.35 10.21 17.52
N PRO A 82 11.37 9.29 17.57
CA PRO A 82 10.28 9.38 16.60
C PRO A 82 9.15 10.28 17.07
N THR A 83 9.48 11.41 17.68
CA THR A 83 8.47 12.41 17.99
C THR A 83 8.22 13.33 16.81
N PRO A 84 9.25 13.93 16.19
CA PRO A 84 8.97 14.84 15.06
C PRO A 84 8.35 14.14 13.87
N VAL A 85 8.75 12.90 13.59
CA VAL A 85 8.24 12.20 12.42
C VAL A 85 6.74 11.97 12.54
N SER A 86 6.30 11.50 13.71
CA SER A 86 4.88 11.21 13.91
C SER A 86 4.05 12.48 13.78
N TYR A 87 4.48 13.56 14.43
CA TYR A 87 3.73 14.82 14.35
C TYR A 87 3.67 15.32 12.91
N THR A 88 4.83 15.41 12.25
CA THR A 88 4.88 15.98 10.91
C THR A 88 4.06 15.14 9.93
N ALA A 89 4.43 13.87 9.74
CA ALA A 89 3.64 13.03 8.85
C ALA A 89 2.56 12.27 9.59
N GLY A 90 1.85 12.99 10.47
CA GLY A 90 0.56 12.56 10.95
C GLY A 90 -0.38 13.75 10.92
N PHE A 91 0.17 14.95 10.71
CA PHE A 91 -0.66 16.09 10.38
C PHE A 91 -1.54 15.78 9.16
N TYR A 92 -0.96 15.15 8.14
CA TYR A 92 -1.71 14.71 6.97
C TYR A 92 -2.32 13.33 7.16
N ARG A 93 -2.10 12.70 8.32
CA ARG A 93 -2.67 11.40 8.65
C ARG A 93 -2.24 10.32 7.65
N ILE A 94 -0.94 10.09 7.60
CA ILE A 94 -0.38 8.99 6.82
C ILE A 94 0.33 8.05 7.80
N PRO A 95 0.24 6.73 7.60
CA PRO A 95 0.73 5.80 8.63
C PRO A 95 2.24 5.87 8.82
N VAL A 96 2.67 5.56 10.04
CA VAL A 96 4.07 5.52 10.43
C VAL A 96 4.31 4.25 11.25
N LEU A 97 5.34 3.50 10.89
CA LEU A 97 5.69 2.27 11.60
C LEU A 97 6.96 2.49 12.40
N GLY A 98 6.91 2.16 13.69
CA GLY A 98 8.07 2.22 14.56
C GLY A 98 8.70 0.84 14.68
N LEU A 99 10.02 0.82 14.56
CA LEU A 99 10.73 -0.46 14.43
C LEU A 99 11.28 -0.97 15.75
N THR A 100 11.74 -0.10 16.64
CA THR A 100 12.41 -0.53 17.85
C THR A 100 11.93 0.18 19.12
N THR A 101 11.37 1.38 19.03
CA THR A 101 11.01 2.14 20.23
C THR A 101 10.01 1.37 21.08
N ARG A 102 10.22 1.45 22.40
CA ARG A 102 9.39 0.71 23.35
C ARG A 102 8.67 1.60 24.35
N MET A 103 8.80 2.92 24.24
CA MET A 103 8.17 3.80 25.22
C MET A 103 6.66 3.67 25.16
N SER A 104 6.01 3.95 26.28
CA SER A 104 4.57 3.71 26.43
C SER A 104 3.72 4.94 26.15
N ILE A 105 4.34 6.06 25.75
CA ILE A 105 3.55 7.24 25.41
C ILE A 105 2.93 7.09 24.03
N TYR A 106 3.54 6.29 23.16
CA TYR A 106 3.06 6.15 21.79
C TYR A 106 1.80 5.30 21.68
N SER A 107 1.47 4.52 22.72
CA SER A 107 0.27 3.70 22.68
C SER A 107 -1.00 4.53 22.82
N ASP A 108 -0.89 5.78 23.23
CA ASP A 108 -2.02 6.68 23.34
C ASP A 108 -2.35 7.15 21.93
N LYS A 109 -3.29 6.47 21.28
CA LYS A 109 -3.58 6.76 19.88
C LYS A 109 -4.54 7.95 19.74
N SER A 110 -4.20 9.06 20.40
CA SER A 110 -4.90 10.31 20.19
C SER A 110 -3.97 11.51 20.03
N ILE A 111 -2.73 11.44 20.52
CA ILE A 111 -1.75 12.49 20.29
C ILE A 111 -0.94 12.23 19.02
N HIS A 112 -0.89 10.98 18.56
CA HIS A 112 -0.16 10.63 17.35
C HIS A 112 -1.08 10.28 16.19
N LEU A 113 -2.19 9.59 16.46
CA LEU A 113 -3.29 9.35 15.52
C LEU A 113 -2.88 8.46 14.35
N SER A 114 -1.58 8.15 14.22
CA SER A 114 -1.13 7.14 13.27
C SER A 114 0.26 6.69 13.72
N PHE A 115 0.33 5.55 14.42
CA PHE A 115 1.61 5.02 14.85
C PHE A 115 1.46 3.53 15.11
N LEU A 116 1.97 2.71 14.21
CA LEU A 116 2.00 1.26 14.37
C LEU A 116 3.39 0.84 14.82
N ARG A 117 3.45 -0.17 15.69
CA ARG A 117 4.70 -0.59 16.30
C ARG A 117 4.90 -2.08 16.07
N THR A 118 6.16 -2.48 16.00
CA THR A 118 6.53 -3.88 15.82
C THR A 118 7.15 -4.49 17.07
N VAL A 119 7.16 -3.76 18.19
CA VAL A 119 7.65 -4.28 19.46
C VAL A 119 6.70 -3.83 20.57
N PRO A 120 6.36 -4.69 21.52
CA PRO A 120 5.41 -4.29 22.56
C PRO A 120 6.02 -3.25 23.47
N PRO A 121 5.22 -2.35 24.02
CA PRO A 121 5.78 -1.29 24.89
C PRO A 121 6.29 -1.84 26.20
N TYR A 122 6.87 -0.96 27.02
CA TYR A 122 7.46 -1.37 28.29
C TYR A 122 6.42 -1.79 29.32
N SER A 123 5.14 -1.49 29.08
CA SER A 123 4.09 -1.81 30.03
C SER A 123 3.40 -3.14 29.72
N HIS A 124 3.77 -3.81 28.64
CA HIS A 124 3.19 -5.11 28.31
C HIS A 124 3.88 -6.26 28.99
N GLN A 125 4.95 -6.01 29.76
CA GLN A 125 5.60 -7.06 30.51
C GLN A 125 4.93 -7.34 31.84
N SER A 126 4.00 -6.48 32.27
CA SER A 126 3.32 -6.69 33.54
C SER A 126 2.52 -7.99 33.54
N SER A 127 2.06 -8.43 32.36
CA SER A 127 1.37 -9.71 32.28
C SER A 127 2.30 -10.88 32.60
N VAL A 128 3.59 -10.76 32.27
CA VAL A 128 4.55 -11.79 32.64
C VAL A 128 4.68 -11.87 34.15
N TRP A 129 4.70 -10.72 34.83
CA TRP A 129 4.74 -10.73 36.29
C TRP A 129 3.52 -11.41 36.86
N PHE A 130 2.34 -11.16 36.30
CA PHE A 130 1.13 -11.80 36.77
C PHE A 130 1.17 -13.32 36.55
N GLU A 131 1.60 -13.76 35.37
CA GLU A 131 1.63 -15.20 35.10
C GLU A 131 2.64 -15.90 35.99
N MET A 132 3.84 -15.33 36.16
CA MET A 132 4.84 -15.95 37.01
C MET A 132 4.43 -15.90 38.49
N MET A 133 3.73 -14.84 38.88
CA MET A 133 3.12 -14.76 40.20
C MET A 133 2.18 -15.93 40.43
N ARG A 134 1.30 -16.18 39.47
CA ARG A 134 0.35 -17.29 39.59
C ARG A 134 1.09 -18.63 39.64
N VAL A 135 2.12 -18.79 38.81
CA VAL A 135 2.82 -20.07 38.74
C VAL A 135 3.55 -20.36 40.04
N TYR A 136 4.27 -19.37 40.57
CA TYR A 136 5.11 -19.61 41.75
C TYR A 136 4.33 -19.51 43.07
N ASN A 137 3.05 -19.18 43.02
CA ASN A 137 2.18 -19.14 44.21
C ASN A 137 2.59 -18.04 45.18
N TRP A 138 2.85 -16.84 44.67
CA TRP A 138 2.99 -15.65 45.48
C TRP A 138 1.73 -14.81 45.34
N ASN A 139 1.21 -14.28 46.46
CA ASN A 139 -0.01 -13.49 46.37
C ASN A 139 -0.03 -12.29 47.31
N HIS A 140 1.13 -11.78 47.72
CA HIS A 140 1.19 -10.66 48.66
C HIS A 140 2.23 -9.64 48.20
N ILE A 141 2.15 -9.23 46.94
CA ILE A 141 3.21 -8.44 46.33
C ILE A 141 3.13 -6.98 46.80
N ILE A 142 4.25 -6.27 46.60
CA ILE A 142 4.35 -4.83 46.79
C ILE A 142 4.80 -4.21 45.48
N LEU A 143 4.12 -3.16 45.04
CA LEU A 143 4.56 -2.40 43.89
C LEU A 143 5.46 -1.27 44.35
N LEU A 144 6.46 -0.94 43.52
CA LEU A 144 7.41 0.13 43.84
C LEU A 144 7.64 0.97 42.60
N VAL A 145 6.57 1.27 41.88
CA VAL A 145 6.66 1.96 40.59
C VAL A 145 7.05 3.42 40.81
N SER A 146 7.45 4.09 39.73
CA SER A 146 7.88 5.48 39.79
C SER A 146 6.70 6.40 39.50
N ASP A 147 6.97 7.70 39.36
CA ASP A 147 5.95 8.71 39.13
C ASP A 147 6.23 9.38 37.79
N ASP A 148 5.63 8.83 36.74
CA ASP A 148 5.76 9.36 35.37
C ASP A 148 4.71 8.65 34.52
N HIS A 149 4.67 9.00 33.24
CA HIS A 149 3.78 8.30 32.33
C HIS A 149 4.20 6.85 32.10
N GLU A 150 5.42 6.48 32.49
CA GLU A 150 5.88 5.12 32.25
C GLU A 150 5.50 4.17 33.37
N GLY A 151 5.63 4.61 34.63
CA GLY A 151 5.26 3.76 35.74
C GLY A 151 3.77 3.63 35.92
N ARG A 152 3.03 4.70 35.61
CA ARG A 152 1.59 4.69 35.75
C ARG A 152 0.91 3.70 34.82
N ALA A 153 1.38 3.56 33.58
CA ALA A 153 0.82 2.56 32.68
C ALA A 153 1.00 1.14 33.22
N ALA A 154 2.20 0.83 33.71
CA ALA A 154 2.45 -0.50 34.26
C ALA A 154 1.58 -0.75 35.49
N GLN A 155 1.48 0.23 36.37
CA GLN A 155 0.68 0.03 37.58
C GLN A 155 -0.80 -0.11 37.23
N LYS A 156 -1.28 0.64 36.22
CA LYS A 156 -2.67 0.52 35.81
C LYS A 156 -2.95 -0.86 35.22
N ARG A 157 -2.06 -1.34 34.35
CA ARG A 157 -2.26 -2.66 33.75
C ARG A 157 -2.25 -3.75 34.81
N LEU A 158 -1.28 -3.70 35.72
CA LEU A 158 -1.22 -4.73 36.77
C LEU A 158 -2.41 -4.63 37.71
N GLU A 159 -2.87 -3.42 38.00
CA GLU A 159 -4.02 -3.27 38.89
C GLU A 159 -5.28 -3.82 38.26
N THR A 160 -5.50 -3.55 36.97
CA THR A 160 -6.68 -4.11 36.30
C THR A 160 -6.59 -5.64 36.24
N LEU A 161 -5.42 -6.17 35.89
CA LEU A 161 -5.27 -7.62 35.83
C LEU A 161 -5.49 -8.25 37.19
N LEU A 162 -5.08 -7.58 38.26
CA LEU A 162 -5.26 -8.10 39.60
C LEU A 162 -6.72 -8.04 40.04
N GLU A 163 -7.38 -6.90 39.78
CA GLU A 163 -8.77 -6.75 40.18
C GLU A 163 -9.68 -7.72 39.42
N GLU A 164 -9.30 -8.06 38.18
CA GLU A 164 -10.09 -9.05 37.44
C GLU A 164 -10.09 -10.42 38.11
N ARG A 165 -9.11 -10.70 38.97
CA ARG A 165 -9.04 -11.97 39.67
C ARG A 165 -9.49 -11.87 41.12
N GLU A 166 -10.13 -10.77 41.50
CA GLU A 166 -10.62 -10.55 42.86
C GLU A 166 -9.49 -10.62 43.88
N SER A 167 -8.35 -10.02 43.54
CA SER A 167 -7.19 -9.93 44.42
C SER A 167 -6.79 -8.47 44.57
N LYS A 168 -5.71 -8.24 45.33
CA LYS A 168 -5.24 -6.88 45.56
C LYS A 168 -3.77 -6.94 45.97
N ALA A 169 -3.09 -5.80 45.80
CA ALA A 169 -1.71 -5.63 46.19
C ALA A 169 -1.63 -4.94 47.54
N GLU A 170 -0.60 -5.31 48.32
CA GLU A 170 -0.49 -4.80 49.68
C GLU A 170 -0.32 -3.29 49.70
N LYS A 171 0.49 -2.75 48.79
CA LYS A 171 0.71 -1.31 48.74
C LYS A 171 1.17 -0.94 47.33
N VAL A 172 1.08 0.34 47.03
CA VAL A 172 1.58 0.90 45.77
C VAL A 172 2.39 2.13 46.13
N LEU A 173 3.69 1.97 46.28
CA LEU A 173 4.57 3.09 46.57
C LEU A 173 4.85 3.87 45.29
N GLN A 174 5.38 5.08 45.46
CA GLN A 174 5.64 5.95 44.32
C GLN A 174 6.72 6.94 44.70
N PHE A 175 7.89 6.83 44.06
CA PHE A 175 9.00 7.74 44.29
C PHE A 175 9.16 8.68 43.11
N ASP A 176 9.49 9.93 43.40
CA ASP A 176 9.64 10.91 42.33
C ASP A 176 10.84 10.55 41.45
N PRO A 177 10.73 10.74 40.14
CA PRO A 177 11.85 10.39 39.25
C PRO A 177 13.03 11.32 39.45
N GLY A 178 14.22 10.78 39.15
CA GLY A 178 15.44 11.55 39.30
C GLY A 178 15.76 11.91 40.74
N THR A 179 15.60 10.96 41.65
CA THR A 179 15.86 11.19 43.06
C THR A 179 17.18 10.53 43.47
N LYS A 180 17.87 11.16 44.42
CA LYS A 180 19.18 10.69 44.87
C LYS A 180 19.16 10.23 46.32
N ASN A 181 17.99 10.14 46.96
CA ASN A 181 17.91 9.65 48.33
C ASN A 181 16.50 9.12 48.55
N VAL A 182 16.36 7.80 48.63
CA VAL A 182 15.09 7.14 48.91
C VAL A 182 15.33 6.11 49.99
N THR A 183 14.95 6.44 51.23
CA THR A 183 15.08 5.49 52.34
C THR A 183 13.76 5.38 53.09
N ALA A 184 12.97 6.46 53.09
CA ALA A 184 11.67 6.41 53.76
C ALA A 184 10.74 5.40 53.10
N LEU A 185 10.68 5.40 51.76
CA LEU A 185 9.85 4.43 51.06
C LEU A 185 10.35 3.01 51.31
N LEU A 186 11.67 2.82 51.33
CA LEU A 186 12.21 1.49 51.58
C LEU A 186 11.86 1.01 52.98
N MET A 187 11.92 1.89 53.97
CA MET A 187 11.51 1.50 55.32
C MET A 187 10.03 1.18 55.38
N GLU A 188 9.20 1.99 54.72
CA GLU A 188 7.77 1.74 54.67
C GLU A 188 7.47 0.36 54.09
N ALA A 189 8.19 -0.02 53.04
CA ALA A 189 8.07 -1.37 52.53
C ALA A 189 8.73 -2.39 53.45
N ARG A 190 9.65 -1.94 54.31
CA ARG A 190 10.36 -2.86 55.20
C ARG A 190 9.45 -3.38 56.30
N GLU A 191 8.66 -2.51 56.93
CA GLU A 191 7.78 -2.99 58.00
C GLU A 191 6.42 -3.30 57.37
N LEU A 192 6.17 -4.59 57.13
CA LEU A 192 4.95 -5.08 56.49
C LEU A 192 4.95 -6.60 56.48
N GLU A 193 3.88 -7.20 55.95
CA GLU A 193 3.77 -8.65 55.85
C GLU A 193 4.07 -9.16 54.45
N ALA A 194 4.60 -8.31 53.58
CA ALA A 194 4.77 -8.63 52.17
C ALA A 194 6.25 -8.72 51.82
N ARG A 195 6.61 -9.74 51.05
CA ARG A 195 7.99 -9.98 50.67
C ARG A 195 8.27 -9.80 49.18
N VAL A 196 7.35 -10.18 48.31
CA VAL A 196 7.55 -10.01 46.87
C VAL A 196 7.55 -8.51 46.57
N ILE A 197 8.62 -8.04 45.93
CA ILE A 197 8.77 -6.64 45.57
C ILE A 197 8.93 -6.54 44.06
N ILE A 198 8.17 -5.65 43.44
CA ILE A 198 8.13 -5.50 41.99
C ILE A 198 8.57 -4.10 41.64
N LEU A 199 9.55 -3.99 40.73
CA LEU A 199 10.16 -2.72 40.38
C LEU A 199 9.78 -2.30 38.96
N SER A 200 9.69 -0.99 38.76
CA SER A 200 9.49 -0.42 37.43
C SER A 200 10.04 1.00 37.45
N ALA A 201 11.25 1.17 36.93
CA ALA A 201 11.92 2.47 36.95
C ALA A 201 13.09 2.44 35.98
N SER A 202 13.63 3.62 35.70
CA SER A 202 14.80 3.72 34.84
C SER A 202 16.00 3.05 35.49
N GLU A 203 17.08 2.92 34.72
CA GLU A 203 18.25 2.20 35.21
C GLU A 203 18.96 2.97 36.31
N ASP A 204 19.01 4.30 36.20
CA ASP A 204 19.66 5.10 37.24
C ASP A 204 18.89 5.01 38.56
N ASP A 205 17.57 5.21 38.51
CA ASP A 205 16.77 5.09 39.72
C ASP A 205 16.77 3.66 40.23
N ALA A 206 16.84 2.67 39.34
CA ALA A 206 16.97 1.29 39.78
C ALA A 206 18.28 1.09 40.53
N ALA A 207 19.36 1.70 40.06
CA ALA A 207 20.63 1.61 40.78
C ALA A 207 20.54 2.25 42.15
N THR A 208 19.89 3.41 42.23
CA THR A 208 19.75 4.07 43.53
C THR A 208 18.92 3.22 44.49
N VAL A 209 17.83 2.63 44.01
CA VAL A 209 17.00 1.79 44.86
C VAL A 209 17.76 0.54 45.30
N TYR A 210 18.53 -0.05 44.38
CA TYR A 210 19.34 -1.22 44.73
C TYR A 210 20.37 -0.86 45.80
N ARG A 211 21.01 0.30 45.68
CA ARG A 211 21.97 0.73 46.68
C ARG A 211 21.30 0.94 48.04
N ALA A 212 20.14 1.59 48.04
CA ALA A 212 19.43 1.82 49.30
C ALA A 212 19.03 0.52 49.96
N ALA A 213 18.54 -0.44 49.16
CA ALA A 213 18.12 -1.73 49.72
C ALA A 213 19.31 -2.54 50.20
N ALA A 214 20.45 -2.43 49.50
CA ALA A 214 21.65 -3.14 49.92
C ALA A 214 22.23 -2.57 51.21
N MET A 215 22.10 -1.25 51.41
CA MET A 215 22.57 -0.64 52.65
C MET A 215 21.82 -1.22 53.84
N LEU A 216 20.50 -1.31 53.75
CA LEU A 216 19.72 -2.04 54.73
C LEU A 216 19.92 -3.53 54.58
N ASN A 217 19.39 -4.30 55.53
CA ASN A 217 19.40 -5.76 55.43
C ASN A 217 18.13 -6.27 54.77
N MET A 218 17.82 -5.73 53.59
CA MET A 218 16.58 -6.05 52.90
C MET A 218 16.76 -7.04 51.76
N THR A 219 17.98 -7.27 51.28
CA THR A 219 18.25 -8.33 50.33
C THR A 219 18.75 -9.58 51.05
N GLY A 220 17.91 -10.07 51.97
CA GLY A 220 18.29 -11.16 52.84
C GLY A 220 18.02 -12.54 52.27
N SER A 221 17.32 -13.38 53.04
CA SER A 221 17.07 -14.76 52.65
C SER A 221 15.66 -15.03 52.18
N GLY A 222 14.70 -14.17 52.52
CA GLY A 222 13.32 -14.39 52.11
C GLY A 222 12.69 -13.17 51.48
N TYR A 223 13.45 -12.46 50.66
CA TYR A 223 13.00 -11.17 50.12
C TYR A 223 12.97 -11.17 48.59
N VAL A 224 12.38 -12.19 47.99
CA VAL A 224 12.42 -12.40 46.54
C VAL A 224 11.99 -11.16 45.77
N TRP A 225 12.88 -10.63 44.92
CA TRP A 225 12.63 -9.44 44.13
C TRP A 225 12.01 -9.81 42.79
N LEU A 226 11.70 -8.79 42.00
CA LEU A 226 11.12 -8.95 40.67
C LEU A 226 11.26 -7.65 39.91
N VAL A 227 11.86 -7.70 38.72
CA VAL A 227 12.12 -6.51 37.91
C VAL A 227 11.75 -6.80 36.47
N GLY A 228 12.03 -5.82 35.61
CA GLY A 228 11.76 -5.95 34.19
C GLY A 228 13.01 -6.09 33.35
N GLU A 229 13.12 -5.30 32.28
CA GLU A 229 14.26 -5.36 31.38
C GLU A 229 15.20 -4.17 31.50
N ARG A 230 14.67 -2.96 31.72
CA ARG A 230 15.51 -1.78 31.82
C ARG A 230 16.29 -1.73 33.13
N GLU A 231 15.97 -2.59 34.10
CA GLU A 231 16.65 -2.61 35.39
C GLU A 231 17.65 -3.75 35.50
N ILE A 232 18.12 -4.27 34.37
CA ILE A 232 19.12 -5.34 34.36
C ILE A 232 20.30 -4.90 33.51
N SER A 233 20.05 -4.03 32.53
CA SER A 233 21.08 -3.63 31.57
C SER A 233 21.56 -2.22 31.87
N GLY A 234 22.88 -2.04 31.79
CA GLY A 234 23.47 -0.73 31.99
C GLY A 234 24.23 -0.59 33.29
N ASN A 235 24.17 0.61 33.89
CA ASN A 235 24.84 0.84 35.16
C ASN A 235 24.22 0.05 36.30
N ALA A 236 22.99 -0.41 36.15
CA ALA A 236 22.30 -1.11 37.23
C ALA A 236 22.63 -2.59 37.29
N LEU A 237 23.43 -3.11 36.36
CA LEU A 237 23.75 -4.53 36.37
C LEU A 237 24.70 -4.88 37.51
N ARG A 238 25.75 -4.08 37.70
CA ARG A 238 26.75 -4.41 38.71
C ARG A 238 26.27 -4.10 40.13
N TYR A 239 25.35 -3.14 40.29
CA TYR A 239 24.73 -2.89 41.59
C TYR A 239 23.42 -3.66 41.64
N ALA A 240 23.53 -4.97 41.88
CA ALA A 240 22.33 -5.81 41.91
C ALA A 240 22.52 -6.96 42.88
N PRO A 241 21.54 -7.24 43.72
CA PRO A 241 21.64 -8.39 44.61
C PRO A 241 21.47 -9.69 43.86
N ASP A 242 22.18 -10.72 44.34
CA ASP A 242 22.09 -12.04 43.73
C ASP A 242 20.66 -12.56 43.79
N GLY A 243 20.25 -13.24 42.74
CA GLY A 243 18.92 -13.81 42.67
C GLY A 243 17.83 -12.87 42.20
N ILE A 244 18.16 -11.82 41.47
CA ILE A 244 17.17 -10.86 40.98
C ILE A 244 16.58 -11.42 39.68
N ILE A 245 15.30 -11.75 39.72
CA ILE A 245 14.62 -12.35 38.57
C ILE A 245 14.20 -11.24 37.60
N GLY A 246 14.54 -11.40 36.32
CA GLY A 246 14.20 -10.39 35.33
C GLY A 246 13.91 -10.99 33.98
N LEU A 247 13.37 -10.15 33.10
CA LEU A 247 12.97 -10.55 31.76
C LEU A 247 13.84 -9.83 30.72
N GLN A 248 13.64 -10.22 29.46
CA GLN A 248 14.28 -9.56 28.33
C GLN A 248 13.61 -9.96 27.02
N LEU A 249 13.27 -8.98 26.19
CA LEU A 249 12.66 -9.28 24.90
C LEU A 249 13.64 -10.05 24.02
N ILE A 250 13.14 -11.09 23.36
CA ILE A 250 14.03 -12.05 22.71
C ILE A 250 14.72 -11.44 21.50
N ASN A 251 14.00 -10.63 20.72
CA ASN A 251 14.55 -10.00 19.52
C ASN A 251 14.12 -8.53 19.52
N GLY A 252 14.92 -7.68 20.14
CA GLY A 252 14.59 -6.27 20.23
C GLY A 252 15.70 -5.37 19.74
N LYS A 253 16.76 -5.96 19.21
CA LYS A 253 17.89 -5.21 18.69
C LYS A 253 18.30 -5.59 17.27
N ASN A 254 17.87 -6.73 16.75
CA ASN A 254 18.19 -7.13 15.38
C ASN A 254 17.34 -6.31 14.44
N GLU A 255 17.82 -5.12 14.09
CA GLU A 255 17.06 -4.19 13.26
C GLU A 255 16.80 -4.73 11.85
N SER A 256 17.65 -5.65 11.38
CA SER A 256 17.42 -6.27 10.07
C SER A 256 16.07 -6.97 10.03
N ALA A 257 15.78 -7.77 11.05
CA ALA A 257 14.52 -8.51 11.10
C ALA A 257 13.33 -7.57 11.09
N HIS A 258 13.40 -6.50 11.87
CA HIS A 258 12.28 -5.56 11.95
C HIS A 258 12.10 -4.81 10.63
N ILE A 259 13.20 -4.45 9.97
CA ILE A 259 13.10 -3.78 8.68
C ILE A 259 12.41 -4.70 7.67
N SER A 260 12.83 -5.96 7.62
CA SER A 260 12.23 -6.89 6.68
C SER A 260 10.74 -7.10 6.97
N ASP A 261 10.39 -7.25 8.26
CA ASP A 261 9.00 -7.48 8.61
C ASP A 261 8.13 -6.27 8.26
N ALA A 262 8.61 -5.07 8.57
CA ALA A 262 7.83 -3.87 8.26
C ALA A 262 7.65 -3.70 6.76
N VAL A 263 8.71 -3.97 5.98
CA VAL A 263 8.59 -3.85 4.53
C VAL A 263 7.57 -4.84 4.01
N GLY A 264 7.62 -6.09 4.49
CA GLY A 264 6.65 -7.08 4.05
C GLY A 264 5.22 -6.70 4.38
N VAL A 265 4.99 -6.22 5.61
CA VAL A 265 3.63 -5.85 6.03
C VAL A 265 3.12 -4.69 5.19
N VAL A 266 3.96 -3.67 4.97
CA VAL A 266 3.52 -2.51 4.20
C VAL A 266 3.23 -2.91 2.76
N ALA A 267 4.06 -3.78 2.18
CA ALA A 267 3.81 -4.22 0.81
C ALA A 267 2.50 -4.98 0.71
N GLN A 268 2.23 -5.86 1.67
CA GLN A 268 0.95 -6.59 1.66
C GLN A 268 -0.22 -5.63 1.77
N ALA A 269 -0.13 -4.64 2.66
CA ALA A 269 -1.23 -3.69 2.82
C ALA A 269 -1.45 -2.89 1.55
N VAL A 270 -0.37 -2.44 0.91
CA VAL A 270 -0.51 -1.65 -0.31
C VAL A 270 -1.14 -2.47 -1.42
N HIS A 271 -0.66 -3.71 -1.62
CA HIS A 271 -1.26 -4.56 -2.65
C HIS A 271 -2.68 -4.96 -2.31
N GLU A 272 -3.07 -4.88 -1.04
CA GLU A 272 -4.45 -5.21 -0.66
C GLU A 272 -5.38 -4.02 -0.83
N LEU A 273 -4.86 -2.80 -0.68
CA LEU A 273 -5.73 -1.63 -0.67
C LEU A 273 -6.22 -1.24 -2.06
N LEU A 274 -5.38 -1.41 -3.09
CA LEU A 274 -5.75 -0.90 -4.40
C LEU A 274 -6.84 -1.73 -5.08
N GLU A 275 -7.24 -2.85 -4.51
CA GLU A 275 -8.41 -3.56 -5.02
C GLU A 275 -9.67 -2.89 -4.50
N LYS A 276 -9.77 -1.58 -4.70
CA LYS A 276 -10.85 -0.76 -4.17
C LYS A 276 -10.85 0.61 -4.83
N GLU A 277 -12.01 1.05 -5.32
CA GLU A 277 -12.10 2.29 -6.06
C GLU A 277 -12.22 3.48 -5.09
N ASN A 278 -12.27 4.67 -5.67
CA ASN A 278 -12.43 5.93 -4.92
C ASN A 278 -11.31 6.12 -3.89
N ILE A 279 -10.08 6.24 -4.42
CA ILE A 279 -8.92 6.56 -3.62
C ILE A 279 -8.30 7.85 -4.16
N THR A 280 -7.43 8.44 -3.35
CA THR A 280 -6.76 9.69 -3.71
C THR A 280 -5.27 9.57 -3.43
N ASP A 281 -4.46 10.19 -4.30
CA ASP A 281 -3.02 10.19 -4.12
C ASP A 281 -2.65 11.03 -2.90
N PRO A 282 -1.53 10.71 -2.24
CA PRO A 282 -1.12 11.48 -1.06
C PRO A 282 -0.70 12.88 -1.43
N PRO A 283 -0.73 13.81 -0.48
CA PRO A 283 -0.48 15.22 -0.82
C PRO A 283 0.98 15.54 -1.09
N ARG A 284 1.43 15.32 -2.33
CA ARG A 284 2.75 15.78 -2.72
C ARG A 284 2.81 17.29 -2.57
N GLY A 285 3.90 17.78 -2.00
CA GLY A 285 4.02 19.19 -1.69
C GLY A 285 3.64 19.50 -0.26
N CYS A 286 4.65 19.73 0.58
CA CYS A 286 4.47 19.99 2.00
C CYS A 286 4.31 21.48 2.30
N VAL A 287 4.47 22.34 1.31
CA VAL A 287 4.43 23.78 1.52
C VAL A 287 3.15 24.42 1.00
N GLY A 288 2.42 23.77 0.10
CA GLY A 288 1.21 24.35 -0.44
C GLY A 288 -0.07 23.69 0.05
N ASN A 289 -0.04 22.38 0.18
CA ASN A 289 -1.23 21.63 0.58
C ASN A 289 -1.60 21.92 2.03
N THR A 290 -2.89 22.04 2.29
CA THR A 290 -3.40 22.15 3.66
C THR A 290 -4.77 21.47 3.69
N ASN A 291 -4.75 20.16 4.01
CA ASN A 291 -5.95 19.34 4.10
C ASN A 291 -5.51 17.95 4.53
N ILE A 292 -6.49 17.14 4.90
CA ILE A 292 -6.24 15.76 5.32
C ILE A 292 -6.29 14.85 4.10
N TRP A 293 -5.44 13.84 4.09
CA TRP A 293 -5.52 12.81 3.07
C TRP A 293 -6.91 12.17 3.10
N LYS A 294 -7.55 12.08 1.94
CA LYS A 294 -8.93 11.61 1.90
C LYS A 294 -9.02 10.15 2.35
N THR A 295 -8.24 9.28 1.75
CA THR A 295 -8.19 7.87 2.14
C THR A 295 -7.07 7.60 3.14
N GLY A 296 -7.04 8.38 4.21
CA GLY A 296 -6.02 8.24 5.23
C GLY A 296 -6.38 7.21 6.28
N PRO A 297 -7.49 7.43 6.99
CA PRO A 297 -7.92 6.44 7.98
C PRO A 297 -8.22 5.07 7.39
N LEU A 298 -8.64 5.00 6.12
CA LEU A 298 -8.91 3.70 5.50
C LEU A 298 -7.63 2.88 5.39
N PHE A 299 -6.52 3.53 5.02
CA PHE A 299 -5.25 2.81 4.94
C PHE A 299 -4.82 2.28 6.30
N LYS A 300 -5.01 3.09 7.35
CA LYS A 300 -4.68 2.62 8.69
C LYS A 300 -5.58 1.46 9.11
N ARG A 301 -6.86 1.53 8.75
CA ARG A 301 -7.80 0.46 9.11
C ARG A 301 -7.46 -0.84 8.40
N VAL A 302 -7.00 -0.77 7.16
CA VAL A 302 -6.64 -1.99 6.45
C VAL A 302 -5.26 -2.48 6.87
N LEU A 303 -4.39 -1.58 7.35
CA LEU A 303 -3.07 -1.99 7.81
C LEU A 303 -3.15 -2.67 9.17
N MET A 304 -3.96 -2.13 10.08
CA MET A 304 -3.99 -2.58 11.47
C MET A 304 -4.74 -3.89 11.65
N SER A 305 -5.11 -4.57 10.57
CA SER A 305 -5.81 -5.85 10.66
C SER A 305 -5.23 -6.83 9.65
N SER A 306 -3.91 -6.88 9.55
CA SER A 306 -3.21 -7.76 8.62
C SER A 306 -2.40 -8.77 9.42
N LYS A 307 -2.62 -10.05 9.16
CA LYS A 307 -1.92 -11.15 9.83
C LYS A 307 -0.84 -11.66 8.89
N TYR A 308 0.37 -11.12 9.04
CA TYR A 308 1.50 -11.58 8.24
C TYR A 308 1.74 -13.07 8.48
N ALA A 309 1.91 -13.82 7.38
CA ALA A 309 1.95 -15.27 7.45
C ALA A 309 3.11 -15.79 8.29
N ASP A 310 4.33 -15.54 7.84
CA ASP A 310 5.50 -16.05 8.54
C ASP A 310 6.68 -15.11 8.31
N GLY A 311 7.27 -14.63 9.40
CA GLY A 311 8.40 -13.74 9.35
C GLY A 311 9.58 -14.28 10.14
N VAL A 312 10.70 -13.56 10.03
CA VAL A 312 11.90 -13.93 10.77
C VAL A 312 11.68 -13.81 12.27
N THR A 313 10.88 -12.82 12.69
CA THR A 313 10.49 -12.70 14.09
C THR A 313 9.20 -13.44 14.41
N GLY A 314 8.64 -14.16 13.45
CA GLY A 314 7.42 -14.91 13.67
C GLY A 314 6.19 -14.21 13.13
N ARG A 315 5.04 -14.65 13.65
CA ARG A 315 3.77 -14.06 13.24
C ARG A 315 3.72 -12.60 13.66
N VAL A 316 3.12 -11.77 12.80
CA VAL A 316 3.02 -10.33 13.05
C VAL A 316 1.54 -9.98 13.04
N GLU A 317 0.94 -9.97 14.22
CA GLU A 317 -0.42 -9.48 14.40
C GLU A 317 -0.36 -8.04 14.92
N PHE A 318 -1.51 -7.48 15.27
CA PHE A 318 -1.55 -6.11 15.76
C PHE A 318 -2.67 -5.97 16.77
N ASN A 319 -2.31 -5.77 18.03
CA ASN A 319 -3.27 -5.47 19.09
C ASN A 319 -4.14 -4.30 18.68
N GLU A 320 -5.35 -4.23 19.25
CA GLU A 320 -6.27 -3.19 18.82
C GLU A 320 -5.93 -1.86 19.50
N ASP A 321 -4.65 -1.52 19.47
CA ASP A 321 -4.16 -0.16 19.63
C ASP A 321 -2.98 0.13 18.72
N GLY A 322 -2.37 -0.90 18.13
CA GLY A 322 -1.24 -0.73 17.24
C GLY A 322 0.10 -1.07 17.87
N ASP A 323 0.18 -2.15 18.65
CA ASP A 323 1.48 -2.54 19.19
C ASP A 323 1.55 -4.06 19.36
N ARG A 324 1.99 -4.73 18.29
CA ARG A 324 2.68 -6.03 18.32
C ARG A 324 2.15 -6.98 19.39
N LYS A 325 0.90 -7.41 19.21
CA LYS A 325 0.35 -8.45 20.07
C LYS A 325 1.16 -9.74 19.96
N PHE A 326 1.09 -10.56 21.01
CA PHE A 326 1.62 -11.92 21.03
C PHE A 326 3.13 -11.97 20.76
N ALA A 327 3.88 -11.44 21.71
CA ALA A 327 5.34 -11.48 21.68
C ALA A 327 5.88 -12.46 22.71
N GLN A 328 7.17 -12.78 22.57
CA GLN A 328 7.86 -13.75 23.41
C GLN A 328 8.84 -13.03 24.34
N TYR A 329 9.17 -13.70 25.44
CA TYR A 329 10.07 -13.15 26.46
C TYR A 329 11.01 -14.24 26.95
N SER A 330 12.08 -13.81 27.61
CA SER A 330 13.05 -14.73 28.20
C SER A 330 13.34 -14.30 29.62
N ILE A 331 13.36 -15.27 30.54
CA ILE A 331 13.48 -15.03 31.96
C ILE A 331 14.89 -15.42 32.40
N MET A 332 15.59 -14.51 33.08
CA MET A 332 16.94 -14.76 33.54
C MET A 332 17.08 -14.48 35.02
N ASN A 333 18.10 -15.10 35.62
CA ASN A 333 18.44 -14.96 37.03
C ASN A 333 19.91 -14.59 37.14
N LEU A 334 20.22 -13.66 38.04
CA LEU A 334 21.58 -13.12 38.18
C LEU A 334 22.38 -14.04 39.09
N GLN A 335 22.91 -15.11 38.52
CA GLN A 335 23.70 -16.09 39.26
C GLN A 335 25.18 -15.72 39.16
N ASN A 336 25.80 -15.45 40.30
CA ASN A 336 27.25 -15.27 40.40
C ASN A 336 27.75 -14.21 39.42
N ARG A 337 27.03 -13.09 39.37
CA ARG A 337 27.36 -11.92 38.57
C ARG A 337 27.29 -12.17 37.06
N LYS A 338 26.73 -13.30 36.64
CA LYS A 338 26.55 -13.59 35.22
C LYS A 338 25.15 -14.14 35.00
N LEU A 339 24.34 -13.39 34.24
CA LEU A 339 22.95 -13.77 34.02
C LEU A 339 22.86 -15.07 33.24
N VAL A 340 21.99 -15.97 33.69
CA VAL A 340 21.73 -17.23 33.02
C VAL A 340 20.24 -17.36 32.75
N GLN A 341 19.89 -17.84 31.56
CA GLN A 341 18.49 -17.97 31.19
C GLN A 341 17.85 -19.16 31.90
N VAL A 342 16.62 -18.96 32.37
CA VAL A 342 15.84 -20.02 33.00
C VAL A 342 14.37 -19.79 32.66
N GLY A 343 13.75 -20.74 31.97
CA GLY A 343 12.37 -20.62 31.58
C GLY A 343 12.19 -19.76 30.34
N ILE A 344 10.94 -19.63 29.92
CA ILE A 344 10.58 -18.81 28.77
C ILE A 344 9.09 -18.49 28.88
N TYR A 345 8.68 -17.42 28.22
CA TYR A 345 7.29 -16.97 28.23
C TYR A 345 6.78 -17.02 26.78
N ASN A 346 6.06 -18.10 26.45
CA ASN A 346 5.67 -18.37 25.07
C ASN A 346 4.58 -17.44 24.56
N GLY A 347 4.20 -16.41 25.32
CA GLY A 347 3.17 -15.49 24.93
C GLY A 347 1.83 -15.75 25.61
N THR A 348 1.59 -16.98 26.04
CA THR A 348 0.39 -17.33 26.79
C THR A 348 0.70 -17.86 28.18
N HIS A 349 1.57 -18.85 28.29
CA HIS A 349 1.95 -19.44 29.57
C HIS A 349 3.44 -19.33 29.78
N VAL A 350 3.93 -19.89 30.88
CA VAL A 350 5.34 -19.89 31.24
C VAL A 350 5.83 -21.34 31.26
N ILE A 351 6.93 -21.60 30.55
CA ILE A 351 7.49 -22.93 30.46
C ILE A 351 8.77 -22.96 31.30
N PRO A 352 8.79 -23.64 32.43
CA PRO A 352 10.02 -23.71 33.23
C PRO A 352 11.10 -24.53 32.53
N ASN A 353 12.35 -24.19 32.83
CA ASN A 353 13.50 -24.86 32.26
C ASN A 353 14.01 -25.94 33.20
N ASP A 354 15.17 -26.51 32.87
CA ASP A 354 15.83 -27.49 33.73
C ASP A 354 16.91 -26.86 34.61
N ARG A 355 17.45 -25.71 34.22
CA ARG A 355 18.44 -25.02 35.04
C ARG A 355 17.78 -24.51 36.32
N LYS A 356 18.41 -24.79 37.46
CA LYS A 356 17.84 -24.40 38.74
C LYS A 356 18.09 -22.92 39.01
N ILE A 357 17.32 -22.39 39.96
CA ILE A 357 17.31 -20.97 40.27
C ILE A 357 17.80 -20.77 41.70
N ILE A 358 18.65 -19.76 41.90
CA ILE A 358 19.19 -19.42 43.20
C ILE A 358 18.47 -18.18 43.67
N TRP A 359 17.67 -18.33 44.72
CA TRP A 359 16.90 -17.22 45.28
C TRP A 359 17.85 -16.28 46.03
N PRO A 360 17.38 -15.08 46.38
CA PRO A 360 18.26 -14.15 47.12
C PRO A 360 18.83 -14.78 48.38
N GLY A 361 20.12 -14.54 48.61
CA GLY A 361 20.81 -15.09 49.76
C GLY A 361 20.92 -16.61 49.72
N GLY A 362 21.32 -17.16 48.58
CA GLY A 362 21.40 -18.60 48.46
C GLY A 362 20.00 -19.20 48.55
N GLU A 363 19.84 -20.20 49.41
CA GLU A 363 18.52 -20.76 49.73
C GLU A 363 17.82 -21.27 48.46
N THR A 364 18.40 -22.33 47.91
CA THR A 364 17.81 -22.95 46.72
C THR A 364 16.37 -23.38 46.95
N GLU A 365 15.99 -23.64 48.20
CA GLU A 365 14.59 -23.90 48.52
C GLU A 365 13.77 -22.63 48.32
N LYS A 366 12.57 -22.80 47.80
CA LYS A 366 11.73 -21.65 47.46
C LYS A 366 11.30 -20.92 48.73
N PRO A 367 11.29 -19.59 48.71
CA PRO A 367 10.71 -18.83 49.82
C PRO A 367 9.23 -18.58 49.62
N ARG A 368 8.47 -18.62 50.72
CA ARG A 368 7.03 -18.46 50.65
C ARG A 368 6.59 -17.02 50.42
N GLY A 369 7.46 -16.06 50.70
CA GLY A 369 7.10 -14.67 50.50
C GLY A 369 5.98 -14.17 51.39
N TYR A 370 6.03 -14.53 52.68
CA TYR A 370 5.01 -14.12 53.62
C TYR A 370 5.55 -14.31 55.04
N GLN A 371 4.92 -13.63 55.99
CA GLN A 371 5.26 -13.80 57.40
C GLN A 371 4.03 -13.61 58.28
N GLN B 1 8.55 4.58 -23.78
CA GLN B 1 7.99 3.30 -24.17
C GLN B 1 9.06 2.22 -24.25
N VAL B 2 8.73 1.02 -23.79
CA VAL B 2 9.67 -0.10 -23.78
C VAL B 2 9.52 -0.88 -25.07
N GLN B 3 10.65 -1.37 -25.59
CA GLN B 3 10.67 -2.12 -26.84
C GLN B 3 11.41 -3.42 -26.64
N LEU B 4 10.95 -4.46 -27.35
CA LEU B 4 11.59 -5.77 -27.37
C LEU B 4 11.87 -6.14 -28.81
N VAL B 5 13.16 -6.29 -29.15
CA VAL B 5 13.58 -6.65 -30.50
C VAL B 5 14.48 -7.87 -30.42
N GLN B 6 14.14 -8.90 -31.20
CA GLN B 6 14.90 -10.13 -31.21
C GLN B 6 15.98 -10.09 -32.31
N SER B 7 16.85 -11.09 -32.29
CA SER B 7 17.90 -11.20 -33.28
C SER B 7 17.33 -11.70 -34.61
N GLY B 8 18.13 -11.53 -35.67
CA GLY B 8 17.68 -11.94 -36.98
C GLY B 8 17.53 -13.44 -37.11
N ALA B 9 16.70 -13.84 -38.07
CA ALA B 9 16.44 -15.25 -38.30
C ALA B 9 17.70 -15.97 -38.77
N GLU B 10 17.83 -17.22 -38.33
CA GLU B 10 19.00 -18.04 -38.67
C GLU B 10 18.53 -19.44 -39.04
N ALA B 11 19.37 -20.13 -39.80
CA ALA B 11 19.11 -21.49 -40.24
C ALA B 11 20.22 -22.41 -39.74
N LYS B 12 19.83 -23.60 -39.28
CA LYS B 12 20.79 -24.57 -38.76
C LYS B 12 20.31 -25.97 -39.05
N LYS B 13 21.22 -26.93 -38.95
CA LYS B 13 20.94 -28.33 -39.17
C LYS B 13 20.78 -29.06 -37.85
N PRO B 14 20.39 -30.33 -37.88
CA PRO B 14 20.24 -31.08 -36.64
C PRO B 14 21.57 -31.30 -35.94
N GLY B 15 21.50 -31.39 -34.61
CA GLY B 15 22.69 -31.63 -33.81
C GLY B 15 23.56 -30.41 -33.56
N GLU B 16 23.02 -29.21 -33.75
CA GLU B 16 23.79 -27.98 -33.57
C GLU B 16 23.11 -27.10 -32.53
N SER B 17 23.90 -26.25 -31.88
CA SER B 17 23.40 -25.32 -30.89
C SER B 17 23.11 -23.95 -31.53
N LEU B 18 22.37 -23.12 -30.80
CA LEU B 18 21.99 -21.81 -31.30
C LEU B 18 21.85 -20.85 -30.13
N LYS B 19 21.94 -19.56 -30.44
CA LYS B 19 21.79 -18.49 -29.46
C LYS B 19 20.84 -17.44 -30.00
N ILE B 20 19.86 -17.06 -29.18
CA ILE B 20 18.88 -16.03 -29.52
C ILE B 20 18.97 -14.93 -28.48
N SER B 21 19.07 -13.68 -28.96
CA SER B 21 19.27 -12.53 -28.09
C SER B 21 18.24 -11.45 -28.42
N CYS B 22 17.29 -11.24 -27.51
CA CYS B 22 16.36 -10.12 -27.58
C CYS B 22 16.65 -9.18 -26.42
N LYS B 23 16.77 -7.89 -26.72
CA LYS B 23 17.20 -6.90 -25.76
C LYS B 23 16.07 -5.92 -25.45
N ALA B 24 16.01 -5.47 -24.20
CA ALA B 24 15.01 -4.52 -23.74
C ALA B 24 15.64 -3.14 -23.56
N SER B 25 14.78 -2.13 -23.50
CA SER B 25 15.22 -0.75 -23.36
C SER B 25 14.07 0.09 -22.82
N GLY B 26 14.41 1.31 -22.40
CA GLY B 26 13.43 2.27 -21.95
C GLY B 26 13.00 2.14 -20.51
N TYR B 27 13.60 1.22 -19.74
CA TYR B 27 13.20 1.00 -18.37
C TYR B 27 14.31 0.22 -17.66
N SER B 28 14.10 -0.04 -16.37
CA SER B 28 15.04 -0.84 -15.60
C SER B 28 15.03 -2.28 -16.09
N PHE B 29 16.19 -2.92 -16.08
CA PHE B 29 16.30 -4.28 -16.57
C PHE B 29 16.14 -5.32 -15.45
N THR B 30 16.70 -5.06 -14.28
CA THR B 30 16.69 -6.03 -13.19
C THR B 30 15.49 -5.83 -12.26
N THR B 31 14.28 -5.79 -12.82
CA THR B 31 13.09 -5.71 -12.00
C THR B 31 11.93 -6.57 -12.49
N PHE B 32 11.94 -7.08 -13.72
CA PHE B 32 10.78 -7.72 -14.31
C PHE B 32 11.09 -9.17 -14.68
N TRP B 33 10.13 -10.05 -14.41
CA TRP B 33 10.27 -11.49 -14.63
C TRP B 33 10.17 -11.80 -16.12
N ILE B 34 11.27 -11.57 -16.84
CA ILE B 34 11.30 -11.88 -18.26
C ILE B 34 11.19 -13.37 -18.48
N GLY B 35 10.37 -13.79 -19.44
CA GLY B 35 10.20 -15.20 -19.72
C GLY B 35 10.46 -15.56 -21.17
N TRP B 36 9.97 -16.72 -21.60
CA TRP B 36 10.13 -17.16 -22.98
C TRP B 36 8.91 -17.99 -23.36
N VAL B 37 8.43 -17.79 -24.59
CA VAL B 37 7.27 -18.51 -25.11
C VAL B 37 7.52 -18.88 -26.56
N ARG B 38 7.05 -20.07 -26.95
CA ARG B 38 7.31 -20.64 -28.26
C ARG B 38 6.00 -21.07 -28.91
N GLN B 39 5.90 -20.89 -30.22
CA GLN B 39 4.74 -21.33 -30.98
C GLN B 39 5.18 -21.74 -32.37
N MET B 40 5.21 -23.04 -32.63
CA MET B 40 5.40 -23.48 -34.01
C MET B 40 4.09 -23.41 -34.77
N PRO B 41 4.13 -23.21 -36.08
CA PRO B 41 2.89 -23.17 -36.86
C PRO B 41 2.14 -24.49 -36.80
N GLY B 42 0.87 -24.43 -36.38
CA GLY B 42 0.03 -25.59 -36.29
C GLY B 42 -0.14 -26.17 -34.91
N SER B 43 0.45 -25.55 -33.88
CA SER B 43 0.32 -26.04 -32.51
C SER B 43 -0.21 -24.99 -31.54
N GLY B 44 0.21 -23.74 -31.70
CA GLY B 44 -0.18 -22.67 -30.80
C GLY B 44 0.95 -22.27 -29.87
N LEU B 45 0.66 -21.26 -29.05
CA LEU B 45 1.65 -20.74 -28.12
C LEU B 45 1.92 -21.75 -27.01
N GLU B 46 3.20 -21.86 -26.63
CA GLU B 46 3.61 -22.76 -25.56
C GLU B 46 4.63 -22.05 -24.68
N TRP B 47 4.61 -22.38 -23.39
CA TRP B 47 5.51 -21.80 -22.42
C TRP B 47 6.81 -22.59 -22.33
N ILE B 48 7.89 -21.91 -21.97
CA ILE B 48 9.19 -22.56 -21.86
C ILE B 48 9.74 -22.39 -20.44
N GLY B 49 9.97 -21.16 -20.02
CA GLY B 49 10.56 -20.91 -18.71
C GLY B 49 10.54 -19.44 -18.37
N ILE B 50 10.95 -19.15 -17.13
CA ILE B 50 10.96 -17.80 -16.60
C ILE B 50 12.29 -17.57 -15.88
N ILE B 51 12.67 -16.29 -15.76
CA ILE B 51 13.95 -15.93 -15.16
C ILE B 51 13.94 -14.49 -14.66
N TYR B 52 14.45 -14.27 -13.45
CA TYR B 52 14.62 -12.93 -12.90
C TYR B 52 16.05 -12.49 -13.12
N PRO B 53 16.32 -11.46 -13.92
CA PRO B 53 17.71 -11.04 -14.15
C PRO B 53 18.39 -10.47 -12.91
N GLY B 54 17.63 -10.06 -11.89
CA GLY B 54 18.24 -9.43 -10.73
C GLY B 54 19.19 -10.36 -9.99
N ASP B 55 18.81 -11.63 -9.81
CA ASP B 55 19.64 -12.60 -9.13
C ASP B 55 19.73 -13.93 -9.86
N SER B 56 19.27 -13.99 -11.11
CA SER B 56 19.39 -15.18 -11.96
C SER B 56 18.63 -16.37 -11.39
N ASP B 57 17.57 -16.13 -10.63
CA ASP B 57 16.67 -17.21 -10.25
C ASP B 57 15.96 -17.72 -11.49
N THR B 58 15.87 -19.04 -11.63
CA THR B 58 15.32 -19.63 -12.83
C THR B 58 14.46 -20.84 -12.47
N ARG B 59 13.31 -20.95 -13.13
CA ARG B 59 12.45 -22.11 -13.06
C ARG B 59 12.27 -22.68 -14.46
N TYR B 60 11.57 -23.81 -14.53
CA TYR B 60 11.40 -24.50 -15.80
C TYR B 60 10.03 -25.19 -15.79
N SER B 61 9.83 -26.09 -16.75
CA SER B 61 8.59 -26.82 -16.92
C SER B 61 8.85 -28.31 -16.97
N PRO B 62 7.87 -29.13 -16.59
CA PRO B 62 8.07 -30.58 -16.68
C PRO B 62 8.39 -31.07 -18.08
N SER B 63 7.87 -30.40 -19.11
CA SER B 63 8.14 -30.78 -20.49
C SER B 63 9.44 -30.19 -21.03
N PHE B 64 10.13 -29.37 -20.25
CA PHE B 64 11.39 -28.77 -20.71
C PHE B 64 12.46 -28.75 -19.63
N GLN B 65 12.31 -29.54 -18.58
CA GLN B 65 13.25 -29.51 -17.47
C GLN B 65 14.62 -30.02 -17.90
N GLY B 66 15.65 -29.24 -17.58
CA GLY B 66 17.02 -29.64 -17.90
C GLY B 66 17.29 -29.84 -19.37
N HIS B 67 16.72 -28.98 -20.21
CA HIS B 67 16.88 -29.08 -21.65
C HIS B 67 17.43 -27.82 -22.29
N VAL B 68 17.00 -26.65 -21.82
CA VAL B 68 17.40 -25.38 -22.40
C VAL B 68 18.03 -24.52 -21.30
N THR B 69 19.14 -23.86 -21.64
CA THR B 69 19.85 -22.99 -20.71
C THR B 69 19.41 -21.55 -20.95
N ILE B 70 18.89 -20.91 -19.91
CA ILE B 70 18.41 -19.53 -19.97
C ILE B 70 19.32 -18.68 -19.09
N SER B 71 19.88 -17.62 -19.67
CA SER B 71 20.73 -16.70 -18.94
C SER B 71 20.34 -15.26 -19.30
N ALA B 72 20.60 -14.35 -18.37
CA ALA B 72 20.25 -12.94 -18.55
C ALA B 72 21.39 -12.09 -18.03
N ASP B 73 22.12 -11.45 -18.94
CA ASP B 73 23.17 -10.53 -18.54
C ASP B 73 22.56 -9.28 -17.90
N ARG B 74 23.19 -8.82 -16.83
CA ARG B 74 22.69 -7.68 -16.05
C ARG B 74 23.39 -6.38 -16.41
N SER B 75 24.20 -6.36 -17.45
CA SER B 75 24.94 -5.17 -17.85
C SER B 75 24.51 -4.65 -19.21
N THR B 76 24.45 -5.51 -20.23
CA THR B 76 24.10 -5.10 -21.58
C THR B 76 22.61 -5.17 -21.85
N SER B 77 21.81 -5.61 -20.88
CA SER B 77 20.36 -5.70 -21.02
C SER B 77 19.97 -6.59 -22.21
N THR B 78 20.35 -7.86 -22.12
CA THR B 78 20.08 -8.81 -23.19
C THR B 78 19.87 -10.19 -22.59
N ALA B 79 18.81 -10.86 -23.03
CA ALA B 79 18.49 -12.21 -22.58
C ALA B 79 18.82 -13.21 -23.68
N TYR B 80 19.48 -14.30 -23.31
CA TYR B 80 19.93 -15.32 -24.25
C TYR B 80 19.10 -16.59 -24.09
N LEU B 81 19.43 -17.58 -24.92
CA LEU B 81 18.80 -18.90 -24.84
C LEU B 81 19.77 -19.89 -25.46
N GLN B 82 20.41 -20.71 -24.63
CA GLN B 82 21.45 -21.62 -25.08
C GLN B 82 20.89 -23.02 -25.32
N TRP B 83 21.62 -23.79 -26.13
CA TRP B 83 21.23 -25.15 -26.47
C TRP B 83 22.47 -26.03 -26.51
N SER B 84 22.24 -27.34 -26.42
CA SER B 84 23.33 -28.31 -26.48
C SER B 84 23.25 -29.20 -27.71
N SER B 85 22.14 -29.90 -27.92
CA SER B 85 21.99 -30.84 -29.02
C SER B 85 20.51 -31.22 -29.12
N LEU B 86 20.22 -32.25 -29.92
CA LEU B 86 18.87 -32.77 -30.09
C LEU B 86 17.91 -31.70 -30.62
N LYS B 87 18.41 -30.87 -31.54
CA LYS B 87 17.62 -29.81 -32.15
C LYS B 87 17.17 -30.31 -33.53
N ALA B 88 16.11 -31.10 -33.56
CA ALA B 88 15.56 -31.63 -34.79
C ALA B 88 14.10 -31.24 -35.01
N SER B 89 13.28 -31.28 -33.96
CA SER B 89 11.89 -30.86 -34.04
C SER B 89 11.66 -29.47 -33.47
N ASP B 90 12.73 -28.71 -33.22
CA ASP B 90 12.64 -27.37 -32.65
C ASP B 90 12.50 -26.30 -33.72
N THR B 91 12.04 -26.65 -34.92
CA THR B 91 11.85 -25.69 -35.99
C THR B 91 10.61 -24.86 -35.70
N ALA B 92 10.80 -23.75 -35.00
CA ALA B 92 9.72 -22.88 -34.61
C ALA B 92 10.24 -21.45 -34.58
N MET B 93 9.44 -20.53 -34.03
CA MET B 93 9.81 -19.14 -33.88
C MET B 93 9.40 -18.67 -32.49
N TYR B 94 10.25 -17.84 -31.89
CA TYR B 94 10.26 -17.64 -30.44
C TYR B 94 9.88 -16.21 -30.07
N TYR B 95 9.30 -16.06 -28.88
CA TYR B 95 8.87 -14.79 -28.35
C TYR B 95 9.42 -14.61 -26.94
N CYS B 96 9.76 -13.38 -26.58
CA CYS B 96 10.24 -13.06 -25.24
C CYS B 96 9.38 -11.96 -24.62
N ALA B 97 8.94 -12.18 -23.38
CA ALA B 97 7.95 -11.36 -22.71
C ALA B 97 8.61 -10.29 -21.84
N ARG B 98 7.80 -9.62 -21.03
CA ARG B 98 8.30 -8.61 -20.10
C ARG B 98 8.04 -8.94 -18.63
N SER B 99 6.78 -9.09 -18.20
CA SER B 99 6.50 -8.90 -16.78
C SER B 99 5.51 -9.92 -16.23
N ALA B 100 5.65 -11.19 -16.58
CA ALA B 100 4.94 -12.29 -15.92
C ALA B 100 3.43 -12.24 -16.16
N VAL B 101 2.97 -11.18 -16.79
CA VAL B 101 1.71 -11.16 -17.54
C VAL B 101 2.04 -10.47 -18.84
N PHE B 102 1.72 -11.12 -19.95
CA PHE B 102 2.57 -11.05 -21.14
C PHE B 102 2.34 -9.71 -21.85
N ASP B 103 2.74 -8.63 -21.17
CA ASP B 103 2.46 -7.28 -21.63
C ASP B 103 3.11 -6.93 -22.95
N TYR B 104 4.44 -6.87 -22.98
CA TYR B 104 5.18 -6.42 -24.15
C TYR B 104 5.89 -7.61 -24.79
N TRP B 105 5.87 -7.65 -26.11
CA TRP B 105 6.39 -8.78 -26.87
C TRP B 105 7.43 -8.32 -27.87
N GLY B 106 8.22 -9.28 -28.35
CA GLY B 106 9.25 -8.99 -29.33
C GLY B 106 8.81 -9.21 -30.76
N GLN B 107 9.65 -8.78 -31.69
CA GLN B 107 9.34 -8.94 -33.11
C GLN B 107 9.28 -10.41 -33.50
N GLY B 108 10.16 -11.22 -32.94
CA GLY B 108 10.18 -12.65 -33.22
C GLY B 108 11.39 -13.04 -34.04
N THR B 109 12.00 -14.18 -33.67
CA THR B 109 13.13 -14.74 -34.39
C THR B 109 12.76 -16.13 -34.88
N LEU B 110 13.04 -16.39 -36.15
CA LEU B 110 12.68 -17.66 -36.78
C LEU B 110 13.83 -18.66 -36.66
N VAL B 111 13.53 -19.83 -36.13
CA VAL B 111 14.50 -20.91 -35.98
C VAL B 111 14.15 -22.00 -36.99
N THR B 112 15.05 -22.27 -37.92
CA THR B 112 14.85 -23.27 -38.96
C THR B 112 15.86 -24.39 -38.75
N VAL B 113 15.36 -25.58 -38.42
CA VAL B 113 16.18 -26.77 -38.24
C VAL B 113 15.79 -27.76 -39.32
N SER B 114 16.71 -28.03 -40.25
CA SER B 114 16.44 -28.96 -41.34
C SER B 114 17.77 -29.44 -41.90
N SER B 115 17.71 -30.57 -42.61
CA SER B 115 18.90 -31.12 -43.27
C SER B 115 19.13 -30.52 -44.65
N ALA B 116 18.18 -29.78 -45.19
CA ALA B 116 18.34 -29.16 -46.50
C ALA B 116 19.24 -27.93 -46.41
N SER B 117 19.90 -27.62 -47.51
CA SER B 117 20.81 -26.48 -47.61
C SER B 117 20.18 -25.38 -48.44
N THR B 118 20.80 -24.21 -48.39
CA THR B 118 20.33 -23.06 -49.15
C THR B 118 20.49 -23.30 -50.64
N LYS B 119 19.47 -22.93 -51.40
CA LYS B 119 19.49 -23.10 -52.85
C LYS B 119 18.70 -21.98 -53.51
N GLY B 120 19.08 -21.64 -54.74
CA GLY B 120 18.43 -20.60 -55.49
C GLY B 120 17.10 -21.05 -56.05
N PRO B 121 16.10 -20.17 -56.00
CA PRO B 121 14.76 -20.55 -56.47
C PRO B 121 14.69 -20.65 -57.98
N SER B 122 13.74 -21.46 -58.44
CA SER B 122 13.48 -21.64 -59.86
C SER B 122 12.10 -21.09 -60.19
N VAL B 123 12.01 -20.33 -61.27
CA VAL B 123 10.79 -19.63 -61.67
C VAL B 123 10.31 -20.20 -62.98
N PHE B 124 9.04 -20.60 -63.02
CA PHE B 124 8.40 -21.09 -64.23
C PHE B 124 7.10 -20.31 -64.45
N PRO B 125 6.91 -19.68 -65.60
CA PRO B 125 5.69 -18.90 -65.82
C PRO B 125 4.48 -19.79 -66.07
N LEU B 126 3.31 -19.22 -65.80
CA LEU B 126 2.03 -19.89 -66.02
C LEU B 126 1.33 -19.18 -67.17
N ALA B 127 1.42 -19.75 -68.36
CA ALA B 127 0.87 -19.11 -69.55
C ALA B 127 -0.64 -19.20 -69.56
N PRO B 128 -1.37 -18.09 -69.62
CA PRO B 128 -2.83 -18.15 -69.71
C PRO B 128 -3.28 -18.69 -71.07
N SER B 129 -4.46 -19.31 -71.06
CA SER B 129 -5.02 -19.87 -72.28
C SER B 129 -6.54 -19.82 -72.20
N SER B 130 -7.17 -19.89 -73.37
CA SER B 130 -8.63 -19.85 -73.48
C SER B 130 -9.22 -18.61 -72.82
N GLY B 131 -14.14 -12.05 -69.08
CA GLY B 131 -13.07 -11.39 -69.80
C GLY B 131 -11.86 -11.12 -68.94
N THR B 132 -11.64 -11.96 -67.94
CA THR B 132 -10.51 -11.83 -67.02
C THR B 132 -9.58 -13.01 -67.20
N ALA B 133 -8.28 -12.72 -67.30
CA ALA B 133 -7.25 -13.74 -67.51
C ALA B 133 -6.38 -13.85 -66.26
N ALA B 134 -6.04 -15.09 -65.90
CA ALA B 134 -5.21 -15.37 -64.74
C ALA B 134 -3.86 -15.91 -65.18
N LEU B 135 -2.80 -15.39 -64.56
CA LEU B 135 -1.45 -15.83 -64.86
C LEU B 135 -0.56 -15.50 -63.66
N GLY B 136 0.61 -16.12 -63.62
CA GLY B 136 1.54 -15.89 -62.54
C GLY B 136 2.74 -16.81 -62.64
N CYS B 137 3.49 -16.86 -61.55
CA CYS B 137 4.69 -17.68 -61.46
C CYS B 137 4.69 -18.41 -60.12
N LEU B 138 5.40 -19.53 -60.09
CA LEU B 138 5.53 -20.35 -58.88
C LEU B 138 7.00 -20.46 -58.49
N VAL B 139 7.23 -20.58 -57.19
CA VAL B 139 8.57 -20.68 -56.63
C VAL B 139 8.86 -22.15 -56.34
N LYS B 140 9.93 -22.67 -56.95
CA LYS B 140 10.29 -24.07 -56.86
C LYS B 140 11.77 -24.14 -56.53
N ASP B 141 12.12 -25.02 -55.59
CA ASP B 141 13.51 -25.23 -55.14
C ASP B 141 14.08 -23.97 -54.50
N TYR B 142 13.38 -23.49 -53.48
CA TYR B 142 13.84 -22.36 -52.68
C TYR B 142 13.88 -22.76 -51.22
N PHE B 143 14.96 -22.36 -50.54
CA PHE B 143 15.16 -22.69 -49.14
C PHE B 143 16.29 -21.83 -48.56
N PRO B 144 16.11 -21.27 -47.36
CA PRO B 144 14.93 -21.34 -46.51
C PRO B 144 13.98 -20.18 -46.73
N GLU B 145 12.92 -20.09 -45.94
CA GLU B 145 11.97 -19.00 -46.06
C GLU B 145 12.60 -17.69 -45.58
N PRO B 146 12.12 -16.55 -46.08
CA PRO B 146 11.07 -16.35 -47.09
C PRO B 146 11.61 -15.91 -48.45
N VAL B 147 10.73 -15.73 -49.43
CA VAL B 147 11.09 -15.23 -50.74
C VAL B 147 10.09 -14.14 -51.12
N THR B 148 10.60 -13.02 -51.64
CA THR B 148 9.77 -11.88 -52.00
C THR B 148 9.45 -11.94 -53.50
N VAL B 149 8.17 -11.79 -53.83
CA VAL B 149 7.70 -11.81 -55.20
C VAL B 149 6.99 -10.49 -55.48
N SER B 150 7.41 -9.81 -56.55
CA SER B 150 6.82 -8.54 -56.95
C SER B 150 6.55 -8.56 -58.45
N TRP B 151 5.59 -7.74 -58.87
CA TRP B 151 5.15 -7.67 -60.27
C TRP B 151 5.59 -6.33 -60.85
N ASN B 152 6.53 -6.37 -61.80
CA ASN B 152 7.02 -5.19 -62.50
C ASN B 152 7.51 -4.13 -61.52
N SER B 153 8.34 -4.57 -60.57
CA SER B 153 8.92 -3.69 -59.55
C SER B 153 7.84 -2.97 -58.75
N GLY B 154 6.76 -3.67 -58.44
CA GLY B 154 5.68 -3.11 -57.65
C GLY B 154 4.74 -2.20 -58.41
N ALA B 155 4.81 -2.17 -59.74
CA ALA B 155 3.91 -1.32 -60.51
C ALA B 155 2.45 -1.75 -60.36
N LEU B 156 2.20 -3.05 -60.40
CA LEU B 156 0.85 -3.59 -60.30
C LEU B 156 0.67 -4.25 -58.94
N THR B 157 -0.36 -3.82 -58.20
CA THR B 157 -0.68 -4.38 -56.91
C THR B 157 -2.10 -4.92 -56.80
N SER B 158 -3.02 -4.47 -57.66
CA SER B 158 -4.39 -4.96 -57.61
C SER B 158 -4.47 -6.35 -58.23
N GLY B 159 -5.13 -7.27 -57.52
CA GLY B 159 -5.26 -8.64 -57.97
C GLY B 159 -4.06 -9.52 -57.71
N VAL B 160 -3.01 -9.01 -57.08
CA VAL B 160 -1.83 -9.80 -56.79
C VAL B 160 -2.12 -10.69 -55.58
N HIS B 161 -1.92 -12.00 -55.76
CA HIS B 161 -2.18 -12.98 -54.71
C HIS B 161 -0.94 -13.88 -54.58
N THR B 162 -0.21 -13.71 -53.47
CA THR B 162 0.96 -14.52 -53.17
C THR B 162 0.54 -15.61 -52.19
N PHE B 163 0.37 -16.83 -52.70
CA PHE B 163 -0.06 -17.93 -51.84
C PHE B 163 1.04 -18.31 -50.85
N PRO B 164 0.69 -18.61 -49.60
CA PRO B 164 1.71 -19.00 -48.63
C PRO B 164 2.35 -20.33 -49.03
N ALA B 165 3.61 -20.48 -48.62
CA ALA B 165 4.37 -21.67 -48.97
C ALA B 165 3.88 -22.89 -48.19
N VAL B 166 4.21 -24.07 -48.71
CA VAL B 166 3.86 -25.34 -48.09
C VAL B 166 5.10 -26.20 -47.99
N LEU B 167 5.03 -27.22 -47.13
CA LEU B 167 6.14 -28.13 -46.88
C LEU B 167 5.98 -29.39 -47.72
N GLN B 168 7.05 -29.78 -48.41
CA GLN B 168 7.06 -31.00 -49.19
C GLN B 168 7.64 -32.15 -48.36
N SER B 169 7.59 -33.36 -48.92
CA SER B 169 8.11 -34.53 -48.22
C SER B 169 9.63 -34.55 -48.16
N SER B 170 10.31 -33.70 -48.92
CA SER B 170 11.76 -33.64 -48.95
C SER B 170 12.32 -32.50 -48.10
N GLY B 171 11.51 -31.95 -47.20
CA GLY B 171 11.94 -30.82 -46.39
C GLY B 171 12.20 -29.56 -47.20
N LEU B 172 11.36 -29.29 -48.19
CA LEU B 172 11.52 -28.14 -49.07
C LEU B 172 10.20 -27.39 -49.17
N TYR B 173 10.29 -26.07 -49.32
CA TYR B 173 9.14 -25.20 -49.41
C TYR B 173 8.93 -24.73 -50.84
N SER B 174 7.68 -24.43 -51.17
CA SER B 174 7.32 -23.94 -52.50
C SER B 174 6.02 -23.17 -52.41
N LEU B 175 5.89 -22.14 -53.25
CA LEU B 175 4.69 -21.31 -53.27
C LEU B 175 4.47 -20.79 -54.69
N SER B 176 3.23 -20.37 -54.94
CA SER B 176 2.84 -19.85 -56.25
C SER B 176 2.22 -18.48 -56.09
N SER B 177 2.55 -17.57 -57.00
CA SER B 177 2.01 -16.21 -57.02
C SER B 177 1.23 -16.02 -58.30
N VAL B 178 0.02 -15.46 -58.19
CA VAL B 178 -0.85 -15.25 -59.33
C VAL B 178 -1.38 -13.82 -59.30
N VAL B 179 -1.81 -13.35 -60.48
CA VAL B 179 -2.40 -12.03 -60.63
C VAL B 179 -3.56 -12.13 -61.60
N THR B 180 -4.66 -11.45 -61.29
CA THR B 180 -5.86 -11.46 -62.12
C THR B 180 -5.93 -10.16 -62.91
N VAL B 181 -5.95 -10.27 -64.23
CA VAL B 181 -6.00 -9.10 -65.11
C VAL B 181 -6.98 -9.36 -66.24
N PRO B 182 -7.56 -8.30 -66.80
CA PRO B 182 -8.45 -8.47 -67.95
C PRO B 182 -7.72 -9.09 -69.13
N SER B 183 -8.43 -9.95 -69.87
CA SER B 183 -7.84 -10.65 -71.00
C SER B 183 -7.51 -9.72 -72.16
N SER B 184 -8.07 -8.51 -72.18
CA SER B 184 -7.78 -7.58 -73.25
C SER B 184 -6.34 -7.10 -73.24
N SER B 185 -5.67 -7.18 -72.09
CA SER B 185 -4.27 -6.77 -71.97
C SER B 185 -3.31 -7.92 -72.20
N LEU B 186 -3.80 -9.11 -72.57
CA LEU B 186 -2.92 -10.25 -72.81
C LEU B 186 -1.97 -9.98 -73.96
N GLY B 187 -2.46 -9.38 -75.05
CA GLY B 187 -1.64 -9.07 -76.19
C GLY B 187 -1.11 -7.65 -76.25
N THR B 188 -1.45 -6.81 -75.26
CA THR B 188 -1.01 -5.42 -75.24
C THR B 188 -0.18 -5.06 -74.01
N GLN B 189 -0.16 -5.90 -72.99
CA GLN B 189 0.59 -5.62 -71.77
C GLN B 189 1.48 -6.80 -71.44
N THR B 190 2.70 -6.50 -71.02
CA THR B 190 3.68 -7.52 -70.65
C THR B 190 3.71 -7.66 -69.13
N TYR B 191 3.60 -8.89 -68.66
CA TYR B 191 3.60 -9.20 -67.23
C TYR B 191 4.86 -9.98 -66.90
N ILE B 192 5.65 -9.46 -65.97
CA ILE B 192 6.90 -10.08 -65.53
C ILE B 192 6.88 -10.19 -64.02
N CYS B 193 7.19 -11.37 -63.51
CA CYS B 193 7.25 -11.62 -62.07
C CYS B 193 8.70 -11.51 -61.61
N ASN B 194 8.93 -10.71 -60.57
CA ASN B 194 10.26 -10.51 -60.01
C ASN B 194 10.41 -11.36 -58.75
N VAL B 195 11.44 -12.20 -58.72
CA VAL B 195 11.68 -13.10 -57.61
C VAL B 195 13.02 -12.72 -56.98
N ASN B 196 13.00 -12.47 -55.67
CA ASN B 196 14.21 -12.13 -54.92
C ASN B 196 14.32 -13.07 -53.72
N HIS B 197 15.47 -13.71 -53.58
CA HIS B 197 15.74 -14.65 -52.50
C HIS B 197 16.92 -14.11 -51.70
N LYS B 198 16.64 -13.50 -50.55
CA LYS B 198 17.70 -12.92 -49.73
C LYS B 198 18.72 -13.95 -49.23
N PRO B 199 18.32 -15.12 -48.70
CA PRO B 199 19.35 -16.07 -48.25
C PRO B 199 20.29 -16.53 -49.34
N SER B 200 19.80 -16.70 -50.57
CA SER B 200 20.63 -17.12 -51.68
C SER B 200 21.14 -15.95 -52.52
N ASN B 201 20.74 -14.72 -52.19
CA ASN B 201 21.15 -13.52 -52.94
C ASN B 201 20.83 -13.65 -54.42
N THR B 202 19.67 -14.19 -54.73
CA THR B 202 19.23 -14.41 -56.09
C THR B 202 18.16 -13.39 -56.47
N LYS B 203 18.36 -12.72 -57.60
CA LYS B 203 17.41 -11.72 -58.11
C LYS B 203 17.17 -12.05 -59.59
N VAL B 204 16.16 -12.87 -59.86
CA VAL B 204 15.84 -13.32 -61.21
C VAL B 204 14.41 -12.93 -61.52
N ASP B 205 14.20 -12.34 -62.69
CA ASP B 205 12.88 -11.93 -63.16
C ASP B 205 12.50 -12.78 -64.37
N LYS B 206 11.30 -13.37 -64.32
CA LYS B 206 10.81 -14.22 -65.38
C LYS B 206 9.59 -13.58 -66.03
N LYS B 207 9.62 -13.46 -67.36
CA LYS B 207 8.51 -12.89 -68.09
C LYS B 207 7.43 -13.95 -68.32
N VAL B 208 6.18 -13.53 -68.22
CA VAL B 208 5.03 -14.42 -68.41
C VAL B 208 4.40 -14.09 -69.75
N GLU B 209 4.42 -15.06 -70.67
CA GLU B 209 3.85 -14.90 -72.01
C GLU B 209 2.96 -16.07 -72.33
N PRO B 210 1.93 -15.87 -73.16
CA PRO B 210 1.06 -16.98 -73.55
C PRO B 210 1.82 -18.03 -74.33
N LYS B 211 1.40 -19.28 -74.16
CA LYS B 211 2.03 -20.41 -74.83
C LYS B 211 1.38 -20.64 -76.20
N GLU C 1 -1.50 -29.63 -15.16
CA GLU C 1 -2.52 -30.16 -14.26
C GLU C 1 -3.87 -29.50 -14.54
N ILE C 2 -3.84 -28.35 -15.20
CA ILE C 2 -5.05 -27.62 -15.57
C ILE C 2 -5.00 -27.43 -17.07
N VAL C 3 -5.74 -28.28 -17.79
CA VAL C 3 -5.80 -28.20 -19.24
C VAL C 3 -6.74 -27.08 -19.64
N MET C 4 -6.25 -26.16 -20.47
CA MET C 4 -7.01 -24.98 -20.85
C MET C 4 -7.86 -25.31 -22.08
N THR C 5 -9.17 -25.12 -21.96
CA THR C 5 -10.11 -25.43 -23.03
C THR C 5 -11.04 -24.25 -23.25
N GLN C 6 -11.43 -24.04 -24.52
CA GLN C 6 -12.32 -22.96 -24.90
C GLN C 6 -13.46 -23.51 -25.74
N SER C 7 -14.38 -22.63 -26.12
CA SER C 7 -15.53 -23.00 -26.95
C SER C 7 -16.03 -21.76 -27.65
N PRO C 8 -16.32 -21.82 -28.95
CA PRO C 8 -16.16 -22.97 -29.85
C PRO C 8 -14.78 -23.04 -30.48
N ALA C 9 -14.50 -24.06 -31.28
CA ALA C 9 -13.21 -24.14 -31.97
C ALA C 9 -13.03 -22.99 -32.95
N THR C 10 -14.09 -22.66 -33.68
CA THR C 10 -14.06 -21.53 -34.61
C THR C 10 -15.40 -20.80 -34.53
N LEU C 11 -15.37 -19.53 -34.93
CA LEU C 11 -16.56 -18.69 -34.86
C LEU C 11 -16.50 -17.64 -35.97
N SER C 12 -17.60 -17.53 -36.72
CA SER C 12 -17.73 -16.54 -37.78
C SER C 12 -18.93 -15.65 -37.47
N VAL C 13 -18.71 -14.33 -37.52
CA VAL C 13 -19.77 -13.37 -37.22
C VAL C 13 -19.78 -12.29 -38.29
N SER C 14 -20.93 -11.64 -38.43
CA SER C 14 -21.10 -10.56 -39.37
C SER C 14 -20.54 -9.26 -38.80
N PRO C 15 -20.15 -8.32 -39.67
CA PRO C 15 -19.66 -7.02 -39.17
C PRO C 15 -20.73 -6.29 -38.38
N GLY C 16 -20.29 -5.50 -37.42
CA GLY C 16 -21.20 -4.79 -36.53
C GLY C 16 -22.02 -5.69 -35.63
N GLY C 17 -21.39 -6.71 -35.03
CA GLY C 17 -22.08 -7.61 -34.14
C GLY C 17 -21.19 -8.00 -32.97
N ARG C 18 -21.82 -8.59 -31.97
CA ARG C 18 -21.12 -9.01 -30.77
C ARG C 18 -20.62 -10.45 -30.91
N ALA C 19 -19.70 -10.82 -30.01
CA ALA C 19 -19.17 -12.17 -29.96
C ALA C 19 -18.88 -12.52 -28.51
N THR C 20 -19.11 -13.78 -28.16
CA THR C 20 -18.91 -14.28 -26.80
C THR C 20 -18.07 -15.54 -26.86
N LEU C 21 -16.92 -15.52 -26.17
CA LEU C 21 -16.03 -16.66 -26.09
C LEU C 21 -15.84 -17.04 -24.63
N SER C 22 -15.94 -18.34 -24.34
CA SER C 22 -15.79 -18.85 -22.98
C SER C 22 -14.56 -19.75 -22.92
N CYS C 23 -13.67 -19.47 -21.98
CA CYS C 23 -12.48 -20.28 -21.75
C CYS C 23 -12.75 -21.13 -20.51
N ARG C 24 -12.84 -22.44 -20.71
CA ARG C 24 -13.25 -23.33 -19.62
C ARG C 24 -12.17 -23.41 -18.56
N ALA C 25 -12.59 -23.47 -17.30
CA ALA C 25 -11.71 -23.58 -16.15
C ALA C 25 -11.67 -25.02 -15.68
N SER C 26 -10.52 -25.68 -15.86
CA SER C 26 -10.38 -27.08 -15.47
C SER C 26 -10.23 -27.28 -13.97
N GLN C 27 -9.93 -26.22 -13.23
CA GLN C 27 -9.81 -26.31 -11.78
C GLN C 27 -10.24 -24.98 -11.18
N SER C 28 -9.98 -24.82 -9.87
CA SER C 28 -10.42 -23.63 -9.15
C SER C 28 -9.32 -22.57 -9.19
N VAL C 29 -9.28 -21.86 -10.31
CA VAL C 29 -8.41 -20.69 -10.44
C VAL C 29 -9.08 -19.53 -9.72
N SER C 30 -8.35 -18.89 -8.81
CA SER C 30 -8.95 -17.91 -7.91
C SER C 30 -9.55 -16.72 -8.65
N SER C 31 -8.70 -15.88 -9.25
CA SER C 31 -9.19 -14.74 -10.01
C SER C 31 -8.35 -14.42 -11.23
N ASN C 32 -7.42 -15.29 -11.62
CA ASN C 32 -6.39 -14.95 -12.59
C ASN C 32 -6.78 -15.45 -13.98
N LEU C 33 -6.90 -14.54 -14.93
CA LEU C 33 -7.02 -14.90 -16.34
C LEU C 33 -6.55 -13.74 -17.19
N ALA C 34 -6.27 -14.04 -18.47
CA ALA C 34 -5.78 -13.03 -19.40
C ALA C 34 -6.13 -13.46 -20.82
N TRP C 35 -6.85 -12.61 -21.54
CA TRP C 35 -7.19 -12.84 -22.93
C TRP C 35 -6.31 -11.99 -23.84
N TYR C 36 -5.80 -12.60 -24.91
CA TYR C 36 -4.86 -11.96 -25.81
C TYR C 36 -5.47 -11.86 -27.20
N GLN C 37 -5.08 -10.82 -27.94
CA GLN C 37 -5.51 -10.61 -29.31
C GLN C 37 -4.29 -10.55 -30.22
N GLN C 38 -4.23 -11.42 -31.22
CA GLN C 38 -3.10 -11.51 -32.12
C GLN C 38 -3.57 -11.51 -33.56
N LYS C 39 -3.04 -10.62 -34.37
CA LYS C 39 -3.26 -10.68 -35.80
C LYS C 39 -2.28 -11.67 -36.43
N PRO C 40 -2.66 -12.32 -37.53
CA PRO C 40 -1.75 -13.25 -38.19
C PRO C 40 -0.42 -12.58 -38.54
N GLY C 41 0.67 -13.27 -38.22
CA GLY C 41 2.00 -12.76 -38.49
C GLY C 41 2.53 -11.74 -37.51
N GLN C 42 1.78 -11.40 -36.47
CA GLN C 42 2.17 -10.39 -35.51
C GLN C 42 2.11 -10.96 -34.10
N ALA C 43 2.88 -10.35 -33.20
CA ALA C 43 2.88 -10.76 -31.81
C ALA C 43 1.58 -10.34 -31.13
N PRO C 44 1.08 -11.15 -30.20
CA PRO C 44 -0.17 -10.80 -29.51
C PRO C 44 -0.01 -9.56 -28.64
N ARG C 45 -1.12 -9.15 -28.04
CA ARG C 45 -1.15 -8.02 -27.13
C ARG C 45 -2.02 -8.36 -25.93
N LEU C 46 -1.84 -7.60 -24.86
CA LEU C 46 -2.60 -7.81 -23.63
C LEU C 46 -3.92 -7.05 -23.69
N LEU C 47 -4.99 -7.72 -23.25
CA LEU C 47 -6.31 -7.10 -23.18
C LEU C 47 -6.86 -7.04 -21.76
N ILE C 48 -6.78 -8.14 -21.02
CA ILE C 48 -7.37 -8.23 -19.69
C ILE C 48 -6.39 -8.96 -18.78
N TYR C 49 -6.19 -8.44 -17.57
CA TYR C 49 -5.47 -9.18 -16.53
C TYR C 49 -6.30 -9.14 -15.25
N GLY C 50 -6.20 -10.23 -14.48
CA GLY C 50 -7.03 -10.37 -13.30
C GLY C 50 -8.46 -10.75 -13.58
N ALA C 51 -8.78 -11.08 -14.83
CA ALA C 51 -10.09 -11.51 -15.31
C ALA C 51 -11.15 -10.42 -15.25
N SER C 52 -10.83 -9.23 -14.75
CA SER C 52 -11.81 -8.16 -14.70
C SER C 52 -11.29 -6.78 -15.09
N THR C 53 -9.98 -6.56 -15.17
CA THR C 53 -9.41 -5.24 -15.38
C THR C 53 -8.87 -5.12 -16.80
N ARG C 54 -9.31 -4.09 -17.51
CA ARG C 54 -8.87 -3.87 -18.88
C ARG C 54 -7.42 -3.41 -18.90
N ALA C 55 -6.68 -3.82 -19.93
CA ALA C 55 -5.32 -3.37 -20.10
C ALA C 55 -5.29 -1.90 -20.52
N THR C 56 -4.20 -1.23 -20.16
CA THR C 56 -4.07 0.19 -20.48
C THR C 56 -3.90 0.38 -21.98
N GLY C 57 -4.49 1.45 -22.51
CA GLY C 57 -4.41 1.73 -23.93
C GLY C 57 -5.29 0.86 -24.80
N ILE C 58 -6.32 0.25 -24.23
CA ILE C 58 -7.20 -0.64 -24.98
C ILE C 58 -8.56 0.04 -25.12
N PRO C 59 -9.30 -0.21 -26.21
CA PRO C 59 -10.66 0.32 -26.30
C PRO C 59 -11.58 -0.31 -25.26
N VAL C 60 -12.61 0.45 -24.87
CA VAL C 60 -13.48 0.07 -23.77
C VAL C 60 -14.55 -0.93 -24.17
N ARG C 61 -14.55 -1.41 -25.41
CA ARG C 61 -15.57 -2.35 -25.85
C ARG C 61 -15.48 -3.67 -25.10
N PHE C 62 -14.26 -4.18 -24.90
CA PHE C 62 -14.08 -5.49 -24.31
C PHE C 62 -14.37 -5.48 -22.82
N SER C 63 -14.89 -6.61 -22.32
CA SER C 63 -15.13 -6.80 -20.91
C SER C 63 -15.23 -8.29 -20.64
N GLY C 64 -15.13 -8.65 -19.36
CA GLY C 64 -15.23 -10.05 -18.96
C GLY C 64 -15.54 -10.17 -17.50
N SER C 65 -15.74 -11.41 -17.06
CA SER C 65 -16.10 -11.68 -15.68
C SER C 65 -15.76 -13.14 -15.36
N GLY C 66 -15.77 -13.45 -14.06
CA GLY C 66 -15.49 -14.78 -13.59
C GLY C 66 -14.62 -14.81 -12.35
N SER C 67 -15.08 -15.51 -11.31
CA SER C 67 -14.36 -15.63 -10.05
C SER C 67 -14.04 -17.09 -9.75
N GLY C 68 -13.67 -17.84 -10.79
CA GLY C 68 -13.35 -19.25 -10.65
C GLY C 68 -14.31 -20.17 -11.38
N THR C 69 -15.34 -19.67 -12.05
CA THR C 69 -16.37 -20.49 -12.70
C THR C 69 -16.54 -20.06 -14.15
N GLU C 70 -15.75 -20.67 -15.04
CA GLU C 70 -15.93 -20.55 -16.49
C GLU C 70 -15.92 -19.09 -16.93
N PHE C 71 -14.75 -18.49 -16.80
CA PHE C 71 -14.55 -17.09 -17.16
C PHE C 71 -14.98 -16.84 -18.61
N THR C 72 -15.74 -15.78 -18.83
CA THR C 72 -16.26 -15.46 -20.14
C THR C 72 -16.11 -13.96 -20.39
N LEU C 73 -15.99 -13.60 -21.66
CA LEU C 73 -15.86 -12.21 -22.08
C LEU C 73 -17.00 -11.87 -23.04
N THR C 74 -17.32 -10.57 -23.10
CA THR C 74 -18.41 -10.07 -23.95
C THR C 74 -17.90 -8.83 -24.68
N ILE C 75 -17.68 -8.97 -25.98
CA ILE C 75 -17.22 -7.87 -26.83
C ILE C 75 -18.42 -7.34 -27.60
N SER C 76 -18.59 -6.03 -27.61
CA SER C 76 -19.72 -5.38 -28.27
C SER C 76 -19.22 -4.25 -29.16
N SER C 77 -20.09 -3.81 -30.07
CA SER C 77 -19.80 -2.73 -31.00
C SER C 77 -18.54 -3.01 -31.82
N LEU C 78 -18.42 -4.25 -32.29
CA LEU C 78 -17.22 -4.67 -33.01
C LEU C 78 -17.13 -3.98 -34.37
N GLN C 79 -15.92 -3.98 -34.93
CA GLN C 79 -15.67 -3.41 -36.24
C GLN C 79 -14.92 -4.41 -37.11
N SER C 80 -14.42 -3.95 -38.27
CA SER C 80 -13.81 -4.84 -39.24
C SER C 80 -12.43 -5.35 -38.82
N GLU C 81 -11.69 -4.59 -38.00
CA GLU C 81 -10.34 -5.01 -37.61
C GLU C 81 -10.35 -6.10 -36.56
N ASP C 82 -11.50 -6.46 -36.03
CA ASP C 82 -11.62 -7.52 -35.02
C ASP C 82 -11.58 -8.89 -35.72
N PHE C 83 -12.04 -9.91 -34.99
CA PHE C 83 -12.07 -11.29 -35.47
C PHE C 83 -10.66 -11.82 -35.73
N ALA C 84 -9.83 -11.79 -34.68
CA ALA C 84 -8.50 -12.36 -34.70
C ALA C 84 -8.47 -13.60 -33.80
N VAL C 85 -7.28 -14.18 -33.62
CA VAL C 85 -7.12 -15.35 -32.76
C VAL C 85 -7.06 -14.88 -31.31
N TYR C 86 -7.95 -15.40 -30.48
CA TYR C 86 -8.07 -14.99 -29.09
C TYR C 86 -7.71 -16.16 -28.18
N TYR C 87 -6.78 -15.94 -27.26
CA TYR C 87 -6.29 -16.95 -26.33
C TYR C 87 -6.72 -16.57 -24.92
N CYS C 88 -6.49 -17.50 -23.98
CA CYS C 88 -6.70 -17.23 -22.57
C CYS C 88 -5.51 -17.74 -21.78
N GLN C 89 -5.11 -16.98 -20.76
CA GLN C 89 -3.93 -17.27 -19.96
C GLN C 89 -4.30 -17.29 -18.49
N GLN C 90 -3.77 -18.27 -17.76
CA GLN C 90 -3.99 -18.40 -16.32
C GLN C 90 -2.66 -18.42 -15.59
N TYR C 91 -2.70 -18.00 -14.33
CA TYR C 91 -1.51 -18.06 -13.47
C TYR C 91 -2.00 -18.24 -12.03
N ASN C 92 -2.02 -19.48 -11.56
CA ASN C 92 -2.44 -19.80 -10.20
C ASN C 92 -1.25 -20.07 -9.29
N ASN C 93 -0.41 -21.04 -9.67
CA ASN C 93 0.79 -21.38 -8.90
C ASN C 93 2.05 -20.78 -9.52
N TRP C 94 1.93 -19.57 -10.04
CA TRP C 94 3.08 -18.90 -10.65
C TRP C 94 4.17 -18.66 -9.60
N PRO C 95 5.44 -18.69 -10.00
CA PRO C 95 5.97 -18.81 -11.36
C PRO C 95 6.36 -20.23 -11.76
N THR C 96 5.53 -21.26 -11.52
CA THR C 96 5.93 -22.61 -11.86
C THR C 96 4.88 -23.42 -12.62
N SER C 97 3.60 -23.08 -12.54
CA SER C 97 2.59 -23.88 -13.25
C SER C 97 2.48 -23.46 -14.72
N TRP C 98 2.02 -22.24 -14.96
CA TRP C 98 2.04 -21.59 -16.27
C TRP C 98 1.51 -22.50 -17.39
N THR C 99 0.21 -22.78 -17.30
CA THR C 99 -0.48 -23.53 -18.34
C THR C 99 -1.10 -22.56 -19.34
N PHE C 100 -0.79 -22.76 -20.62
CA PHE C 100 -1.28 -21.88 -21.68
C PHE C 100 -2.61 -22.40 -22.22
N GLY C 101 -3.21 -21.60 -23.10
CA GLY C 101 -4.41 -21.96 -23.81
C GLY C 101 -4.14 -22.42 -25.23
N GLN C 102 -5.22 -22.54 -26.00
CA GLN C 102 -5.14 -22.97 -27.39
C GLN C 102 -5.37 -21.81 -28.36
N GLY C 103 -6.50 -21.11 -28.24
CA GLY C 103 -6.77 -19.98 -29.10
C GLY C 103 -7.80 -20.27 -30.19
N THR C 104 -9.01 -19.76 -30.01
CA THR C 104 -10.06 -19.97 -31.00
C THR C 104 -9.78 -19.13 -32.26
N LYS C 105 -10.28 -19.63 -33.39
CA LYS C 105 -10.12 -18.96 -34.67
C LYS C 105 -11.39 -18.20 -35.01
N LEU C 106 -11.24 -16.96 -35.44
CA LEU C 106 -12.37 -16.09 -35.73
C LEU C 106 -12.37 -15.69 -37.20
N GLU C 107 -13.58 -15.60 -37.78
CA GLU C 107 -13.74 -15.24 -39.18
C GLU C 107 -14.87 -14.23 -39.29
N ILE C 108 -14.86 -13.48 -40.41
CA ILE C 108 -15.86 -12.46 -40.68
C ILE C 108 -16.86 -13.02 -41.68
N LYS C 109 -18.14 -12.94 -41.34
CA LYS C 109 -19.19 -13.45 -42.21
C LYS C 109 -19.34 -12.58 -43.45
N ARG C 110 -19.69 -13.22 -44.56
CA ARG C 110 -19.84 -12.51 -45.83
C ARG C 110 -20.77 -13.33 -46.73
N THR C 111 -21.29 -12.65 -47.75
CA THR C 111 -22.14 -13.33 -48.73
C THR C 111 -21.31 -14.25 -49.61
N ALA C 112 -21.98 -15.25 -50.19
CA ALA C 112 -21.30 -16.22 -51.04
C ALA C 112 -20.82 -15.56 -52.33
N ALA C 113 -19.59 -15.90 -52.73
CA ALA C 113 -18.99 -15.39 -53.96
C ALA C 113 -18.56 -16.57 -54.82
N ALA C 114 -18.89 -16.52 -56.10
CA ALA C 114 -18.54 -17.60 -57.01
C ALA C 114 -17.05 -17.62 -57.28
N PRO C 115 -16.35 -18.73 -57.04
CA PRO C 115 -14.91 -18.77 -57.30
C PRO C 115 -14.59 -18.67 -58.78
N SER C 116 -13.42 -18.11 -59.08
CA SER C 116 -12.88 -18.05 -60.43
C SER C 116 -11.90 -19.20 -60.58
N VAL C 117 -12.26 -20.19 -61.40
CA VAL C 117 -11.49 -21.41 -61.56
C VAL C 117 -10.57 -21.27 -62.77
N PHE C 118 -9.28 -21.51 -62.57
CA PHE C 118 -8.30 -21.48 -63.63
C PHE C 118 -7.36 -22.67 -63.48
N ILE C 119 -6.79 -23.10 -64.60
CA ILE C 119 -5.85 -24.22 -64.63
C ILE C 119 -4.59 -23.77 -65.37
N PHE C 120 -3.48 -24.44 -65.05
CA PHE C 120 -2.20 -24.08 -65.65
C PHE C 120 -1.36 -25.31 -65.93
N PRO C 121 -1.06 -25.59 -67.20
CA PRO C 121 -0.18 -26.71 -67.53
C PRO C 121 1.27 -26.32 -67.35
N PRO C 122 2.20 -27.29 -67.33
CA PRO C 122 3.62 -26.94 -67.26
C PRO C 122 4.06 -26.11 -68.45
N SER C 123 5.01 -25.21 -68.20
CA SER C 123 5.51 -24.29 -69.22
C SER C 123 6.61 -24.89 -70.08
N ASP C 124 6.72 -26.22 -70.13
CA ASP C 124 7.67 -26.98 -70.93
C ASP C 124 9.11 -26.81 -70.48
N GLU C 125 9.38 -25.99 -69.47
CA GLU C 125 10.73 -25.84 -68.90
C GLU C 125 10.93 -26.69 -67.66
N GLN C 126 9.91 -26.82 -66.81
CA GLN C 126 10.02 -27.67 -65.64
C GLN C 126 10.14 -29.14 -66.02
N LEU C 127 9.51 -29.54 -67.12
CA LEU C 127 9.58 -30.93 -67.57
C LEU C 127 11.00 -31.32 -67.99
N LYS C 128 11.87 -30.35 -68.28
CA LYS C 128 13.25 -30.66 -68.62
C LYS C 128 13.97 -31.33 -67.45
N SER C 129 13.71 -30.85 -66.23
CA SER C 129 14.32 -31.43 -65.04
C SER C 129 13.73 -32.79 -64.67
N GLY C 130 12.65 -33.20 -65.32
CA GLY C 130 12.02 -34.47 -65.02
C GLY C 130 10.83 -34.41 -64.08
N THR C 131 10.33 -33.22 -63.77
CA THR C 131 9.17 -33.05 -62.89
C THR C 131 8.16 -32.15 -63.57
N ALA C 132 6.88 -32.48 -63.41
CA ALA C 132 5.78 -31.71 -63.98
C ALA C 132 4.79 -31.35 -62.89
N SER C 133 4.29 -30.11 -62.93
CA SER C 133 3.35 -29.62 -61.94
C SER C 133 2.16 -28.96 -62.63
N VAL C 134 0.97 -29.17 -62.07
CA VAL C 134 -0.25 -28.56 -62.56
C VAL C 134 -0.83 -27.69 -61.45
N VAL C 135 -1.17 -26.45 -61.78
CA VAL C 135 -1.64 -25.46 -60.82
C VAL C 135 -3.08 -25.12 -61.14
N CYS C 136 -3.96 -25.28 -60.16
CA CYS C 136 -5.37 -24.90 -60.25
C CYS C 136 -5.62 -23.74 -59.28
N LEU C 137 -6.15 -22.65 -59.79
CA LEU C 137 -6.28 -21.41 -59.04
C LEU C 137 -7.75 -21.08 -58.80
N LEU C 138 -8.08 -20.77 -57.55
CA LEU C 138 -9.39 -20.27 -57.16
C LEU C 138 -9.23 -18.87 -56.59
N ASN C 139 -10.04 -17.93 -57.07
CA ASN C 139 -9.90 -16.53 -56.71
C ASN C 139 -11.23 -15.96 -56.25
N ASN C 140 -11.19 -15.27 -55.10
CA ASN C 140 -12.31 -14.46 -54.60
C ASN C 140 -13.59 -15.29 -54.43
N PHE C 141 -13.50 -16.24 -53.51
CA PHE C 141 -14.65 -17.07 -53.14
C PHE C 141 -14.84 -17.02 -51.63
N TYR C 142 -16.11 -17.13 -51.21
CA TYR C 142 -16.46 -17.16 -49.81
C TYR C 142 -17.65 -18.10 -49.64
N PRO C 143 -17.64 -18.98 -48.63
CA PRO C 143 -16.59 -19.16 -47.61
C PRO C 143 -15.40 -19.96 -48.13
N ARG C 144 -14.32 -20.04 -47.35
CA ARG C 144 -13.14 -20.79 -47.75
C ARG C 144 -13.40 -22.29 -47.83
N GLU C 145 -14.49 -22.77 -47.24
CA GLU C 145 -14.78 -24.20 -47.23
C GLU C 145 -15.23 -24.66 -48.60
N ALA C 146 -14.30 -25.15 -49.41
CA ALA C 146 -14.59 -25.64 -50.75
C ALA C 146 -13.87 -26.96 -50.98
N LYS C 147 -14.44 -27.79 -51.86
CA LYS C 147 -13.90 -29.09 -52.18
C LYS C 147 -13.28 -29.05 -53.58
N VAL C 148 -12.02 -29.43 -53.68
CA VAL C 148 -11.30 -29.48 -54.94
C VAL C 148 -10.81 -30.90 -55.16
N GLN C 149 -11.14 -31.47 -56.33
CA GLN C 149 -10.79 -32.83 -56.67
C GLN C 149 -10.05 -32.86 -58.00
N TRP C 150 -9.01 -33.68 -58.06
CA TRP C 150 -8.20 -33.83 -59.26
C TRP C 150 -8.61 -35.08 -60.02
N LYS C 151 -8.89 -34.93 -61.32
CA LYS C 151 -9.32 -36.02 -62.17
C LYS C 151 -8.30 -36.21 -63.29
N VAL C 152 -7.38 -37.15 -63.09
CA VAL C 152 -6.37 -37.48 -64.09
C VAL C 152 -6.86 -38.70 -64.84
N ASP C 153 -7.26 -38.51 -66.11
CA ASP C 153 -7.85 -39.57 -66.93
C ASP C 153 -9.06 -40.18 -66.23
N ASN C 154 -9.89 -39.33 -65.62
CA ASN C 154 -11.10 -39.75 -64.92
C ASN C 154 -10.78 -40.74 -63.80
N ALA C 155 -9.71 -40.48 -63.07
CA ALA C 155 -9.29 -41.33 -61.96
C ALA C 155 -9.03 -40.47 -60.72
N LEU C 156 -9.43 -41.00 -59.56
CA LEU C 156 -9.21 -40.28 -58.31
C LEU C 156 -7.72 -40.20 -58.00
N GLN C 157 -7.28 -39.03 -57.54
CA GLN C 157 -5.89 -38.79 -57.20
C GLN C 157 -5.79 -38.40 -55.73
N SER C 158 -4.88 -39.05 -55.00
CA SER C 158 -4.65 -38.77 -53.59
C SER C 158 -3.18 -38.95 -53.28
N GLY C 159 -2.72 -38.25 -52.25
CA GLY C 159 -1.34 -38.34 -51.81
C GLY C 159 -0.35 -37.51 -52.60
N ASN C 160 -0.82 -36.71 -53.58
CA ASN C 160 0.09 -35.88 -54.37
C ASN C 160 -0.47 -34.48 -54.61
N SER C 161 -1.46 -34.05 -53.82
CA SER C 161 -2.11 -32.76 -54.01
C SER C 161 -1.78 -31.86 -52.82
N GLN C 162 -1.30 -30.66 -53.12
CA GLN C 162 -0.99 -29.64 -52.12
C GLN C 162 -1.88 -28.43 -52.35
N GLU C 163 -2.48 -27.93 -51.28
CA GLU C 163 -3.38 -26.78 -51.34
C GLU C 163 -2.88 -25.68 -50.42
N SER C 164 -2.93 -24.44 -50.91
CA SER C 164 -2.51 -23.27 -50.15
C SER C 164 -3.65 -22.26 -50.14
N VAL C 165 -3.99 -21.76 -48.96
CA VAL C 165 -5.08 -20.81 -48.77
C VAL C 165 -4.51 -19.50 -48.25
N THR C 166 -4.81 -18.41 -48.94
CA THR C 166 -4.39 -17.10 -48.48
C THR C 166 -5.32 -16.59 -47.38
N GLU C 167 -4.82 -15.61 -46.62
CA GLU C 167 -5.61 -15.01 -45.56
C GLU C 167 -6.70 -14.12 -46.16
N GLN C 168 -7.66 -13.74 -45.32
CA GLN C 168 -8.76 -12.89 -45.77
C GLN C 168 -8.22 -11.53 -46.21
N ASP C 169 -8.69 -11.08 -47.37
CA ASP C 169 -8.23 -9.81 -47.92
C ASP C 169 -8.72 -8.63 -47.09
N SER C 170 -7.96 -7.54 -47.13
CA SER C 170 -8.32 -6.34 -46.40
C SER C 170 -9.36 -5.49 -47.11
N LYS C 171 -9.66 -5.78 -48.37
CA LYS C 171 -10.62 -5.01 -49.15
C LYS C 171 -11.99 -5.69 -49.21
N ASP C 172 -12.03 -6.93 -49.70
CA ASP C 172 -13.28 -7.64 -49.86
C ASP C 172 -13.40 -8.88 -48.97
N SER C 173 -12.41 -9.15 -48.13
CA SER C 173 -12.44 -10.29 -47.20
C SER C 173 -12.69 -11.60 -47.94
N THR C 174 -12.02 -11.77 -49.07
CA THR C 174 -12.19 -12.94 -49.91
C THR C 174 -11.11 -13.99 -49.62
N TYR C 175 -11.32 -15.19 -50.14
CA TYR C 175 -10.40 -16.30 -49.98
C TYR C 175 -9.87 -16.74 -51.34
N SER C 176 -8.65 -17.27 -51.34
CA SER C 176 -8.02 -17.79 -52.55
C SER C 176 -7.42 -19.16 -52.25
N LEU C 177 -7.62 -20.09 -53.18
CA LEU C 177 -7.13 -21.46 -53.03
C LEU C 177 -6.35 -21.84 -54.28
N SER C 178 -5.17 -22.43 -54.09
CA SER C 178 -4.33 -22.89 -55.18
C SER C 178 -3.98 -24.35 -54.95
N SER C 179 -4.21 -25.18 -55.97
CA SER C 179 -3.91 -26.60 -55.91
C SER C 179 -2.69 -26.90 -56.78
N THR C 180 -1.70 -27.56 -56.19
CA THR C 180 -0.45 -27.86 -56.88
C THR C 180 -0.19 -29.36 -56.81
N LEU C 181 0.15 -29.95 -57.97
CA LEU C 181 0.46 -31.36 -58.08
C LEU C 181 1.96 -31.55 -58.27
N THR C 182 2.46 -32.71 -57.85
CA THR C 182 3.86 -33.07 -57.99
C THR C 182 3.95 -34.50 -58.51
N LEU C 183 4.27 -34.65 -59.79
CA LEU C 183 4.38 -35.95 -60.42
C LEU C 183 5.63 -36.00 -61.27
N SER C 184 6.14 -37.22 -61.48
CA SER C 184 7.33 -37.42 -62.28
C SER C 184 7.04 -37.21 -63.76
N LYS C 185 8.12 -37.04 -64.54
CA LYS C 185 7.97 -36.82 -65.97
C LYS C 185 7.35 -38.05 -66.65
N ALA C 186 7.80 -39.24 -66.26
CA ALA C 186 7.27 -40.47 -66.86
C ALA C 186 5.78 -40.62 -66.56
N ASP C 187 5.37 -40.35 -65.32
CA ASP C 187 3.96 -40.44 -64.96
C ASP C 187 3.14 -39.37 -65.69
N TYR C 188 3.72 -38.18 -65.85
CA TYR C 188 2.99 -37.09 -66.51
C TYR C 188 2.71 -37.43 -67.97
N GLU C 189 3.69 -38.02 -68.65
CA GLU C 189 3.52 -38.37 -70.07
C GLU C 189 2.69 -39.62 -70.28
N LYS C 190 2.36 -40.36 -69.22
CA LYS C 190 1.51 -41.54 -69.33
C LYS C 190 0.03 -41.20 -69.36
N HIS C 191 -0.32 -39.94 -69.13
CA HIS C 191 -1.72 -39.49 -69.14
C HIS C 191 -1.83 -38.23 -69.98
N LYS C 192 -3.02 -38.03 -70.55
CA LYS C 192 -3.28 -36.88 -71.40
C LYS C 192 -4.36 -35.95 -70.87
N LEU C 193 -5.36 -36.46 -70.17
CA LEU C 193 -6.45 -35.65 -69.65
C LEU C 193 -6.21 -35.33 -68.18
N TYR C 194 -6.13 -34.04 -67.86
CA TYR C 194 -5.98 -33.58 -66.49
C TYR C 194 -7.08 -32.57 -66.21
N ALA C 195 -7.90 -32.85 -65.19
CA ALA C 195 -9.06 -32.02 -64.88
C ALA C 195 -9.01 -31.58 -63.42
N CYS C 196 -9.51 -30.37 -63.17
CA CYS C 196 -9.58 -29.81 -61.83
C CYS C 196 -11.05 -29.51 -61.54
N GLU C 197 -11.63 -30.28 -60.62
CA GLU C 197 -13.04 -30.15 -60.26
C GLU C 197 -13.17 -29.29 -59.01
N VAL C 198 -14.01 -28.25 -59.08
CA VAL C 198 -14.21 -27.32 -57.98
C VAL C 198 -15.66 -27.35 -57.57
N THR C 199 -15.91 -27.59 -56.28
CA THR C 199 -17.24 -27.59 -55.70
C THR C 199 -17.32 -26.48 -54.66
N HIS C 200 -18.32 -25.61 -54.78
CA HIS C 200 -18.46 -24.48 -53.89
C HIS C 200 -19.93 -24.21 -53.63
N GLN C 201 -20.21 -23.58 -52.49
CA GLN C 201 -21.59 -23.24 -52.14
C GLN C 201 -22.16 -22.18 -53.07
N GLY C 202 -21.32 -21.23 -53.49
CA GLY C 202 -21.78 -20.15 -54.35
C GLY C 202 -22.01 -20.54 -55.79
N LEU C 203 -21.65 -21.76 -56.18
CA LEU C 203 -21.86 -22.26 -57.54
C LEU C 203 -23.02 -23.24 -57.54
N SER C 204 -23.93 -23.06 -58.49
CA SER C 204 -25.06 -24.00 -58.63
C SER C 204 -24.57 -25.40 -58.99
N SER C 205 -23.57 -25.49 -59.86
CA SER C 205 -23.02 -26.75 -60.30
C SER C 205 -21.52 -26.74 -60.15
N PRO C 206 -20.90 -27.90 -59.92
CA PRO C 206 -19.43 -27.96 -59.85
C PRO C 206 -18.80 -27.54 -61.17
N VAL C 207 -17.67 -26.85 -61.07
CA VAL C 207 -16.94 -26.35 -62.22
C VAL C 207 -15.69 -27.19 -62.40
N THR C 208 -15.54 -27.79 -63.58
CA THR C 208 -14.39 -28.63 -63.90
C THR C 208 -13.67 -28.05 -65.11
N LYS C 209 -12.37 -27.84 -64.96
CA LYS C 209 -11.52 -27.33 -66.04
C LYS C 209 -10.55 -28.42 -66.44
N SER C 210 -10.54 -28.78 -67.72
CA SER C 210 -9.72 -29.86 -68.22
C SER C 210 -8.92 -29.39 -69.43
N PHE C 211 -7.74 -29.99 -69.61
CA PHE C 211 -6.86 -29.68 -70.72
C PHE C 211 -6.17 -30.96 -71.18
N ASN C 212 -5.67 -30.93 -72.41
CA ASN C 212 -4.97 -32.06 -73.02
C ASN C 212 -3.50 -31.73 -73.18
N ARG C 213 -2.65 -32.71 -72.87
CA ARG C 213 -1.21 -32.53 -73.00
C ARG C 213 -0.83 -32.33 -74.46
N GLY C 214 0.03 -31.35 -74.71
CA GLY C 214 0.44 -31.04 -76.08
C GLY C 214 -0.69 -30.54 -76.94
N GLU C 215 -1.56 -29.70 -76.40
CA GLU C 215 -2.70 -29.18 -77.15
C GLU C 215 -2.94 -27.70 -76.82
N SER D 1 11.50 50.98 33.88
CA SER D 1 12.51 51.12 32.84
C SER D 1 13.16 49.78 32.52
N ALA D 2 12.35 48.77 32.27
CA ALA D 2 12.80 47.43 31.88
C ALA D 2 12.09 47.02 30.61
N PRO D 3 12.42 47.65 29.48
CA PRO D 3 11.67 47.43 28.24
C PRO D 3 12.12 46.20 27.49
N SER D 4 11.63 46.06 26.25
CA SER D 4 12.05 45.02 25.32
C SER D 4 11.72 43.62 25.83
N ILE D 5 10.44 43.36 26.08
CA ILE D 5 9.92 42.01 26.27
C ILE D 5 9.14 41.64 25.02
N GLY D 6 9.52 40.54 24.38
CA GLY D 6 9.07 40.24 23.04
C GLY D 6 7.92 39.25 23.01
N ILE D 7 6.78 39.72 22.51
CA ILE D 7 5.61 38.89 22.27
C ILE D 7 5.20 39.06 20.82
N ALA D 8 4.94 37.94 20.14
CA ALA D 8 4.52 37.96 18.75
C ALA D 8 3.10 37.41 18.66
N VAL D 9 2.23 38.15 17.96
CA VAL D 9 0.83 37.78 17.82
C VAL D 9 0.66 37.17 16.43
N ILE D 10 0.71 35.84 16.35
CA ILE D 10 0.55 35.14 15.09
C ILE D 10 -0.94 35.02 14.78
N LEU D 11 -1.33 35.42 13.58
CA LEU D 11 -2.73 35.39 13.15
C LEU D 11 -2.86 34.49 11.94
N VAL D 12 -3.77 33.54 12.01
CA VAL D 12 -4.10 32.68 10.87
C VAL D 12 -5.57 32.78 10.47
N GLY D 13 -6.43 33.27 11.37
CA GLY D 13 -7.87 33.31 11.12
C GLY D 13 -8.34 34.36 10.13
N THR D 14 -7.43 35.21 9.65
CA THR D 14 -7.75 36.21 8.63
C THR D 14 -8.91 37.11 9.07
N SER D 15 -8.91 37.52 10.33
CA SER D 15 -9.92 38.43 10.85
C SER D 15 -9.45 39.87 10.65
N ASP D 16 -10.23 40.83 11.16
CA ASP D 16 -9.91 42.24 11.01
C ASP D 16 -8.67 42.56 11.82
N GLU D 17 -7.54 42.77 11.14
CA GLU D 17 -6.29 43.06 11.84
C GLU D 17 -6.36 44.38 12.59
N VAL D 18 -6.97 45.40 12.00
CA VAL D 18 -7.03 46.71 12.65
C VAL D 18 -7.88 46.65 13.91
N ALA D 19 -8.94 45.85 13.89
CA ALA D 19 -9.81 45.74 15.06
C ALA D 19 -9.05 45.18 16.25
N ILE D 20 -8.22 44.15 16.02
CA ILE D 20 -7.43 43.58 17.11
C ILE D 20 -6.12 44.34 17.31
N LYS D 21 -5.67 45.11 16.31
CA LYS D 21 -4.54 46.00 16.52
C LYS D 21 -4.91 47.12 17.50
N ASP D 22 -6.15 47.60 17.43
CA ASP D 22 -6.59 48.67 18.32
C ASP D 22 -6.68 48.22 19.77
N ALA D 23 -6.69 46.92 20.03
CA ALA D 23 -6.80 46.40 21.39
C ALA D 23 -5.60 45.57 21.83
N HIS D 24 -4.58 45.41 20.98
CA HIS D 24 -3.42 44.61 21.34
C HIS D 24 -2.60 45.28 22.44
N GLU D 25 -2.32 46.59 22.27
CA GLU D 25 -1.49 47.31 23.23
C GLU D 25 -2.04 48.70 23.51
N LYS D 26 -3.36 48.88 23.43
CA LYS D 26 -3.94 50.19 23.68
C LYS D 26 -3.72 50.63 25.13
N ASP D 27 -3.90 49.72 26.08
CA ASP D 27 -3.75 50.06 27.49
C ASP D 27 -2.29 50.28 27.83
N ASP D 28 -2.06 51.07 28.89
CA ASP D 28 -0.73 51.33 29.42
C ASP D 28 -0.66 50.70 30.82
N PHE D 29 0.13 49.64 30.96
CA PHE D 29 0.28 48.96 32.24
C PHE D 29 1.27 49.76 33.08
N HIS D 30 0.74 50.66 33.90
CA HIS D 30 1.58 51.45 34.79
C HIS D 30 1.93 50.69 36.07
N HIS D 31 1.20 49.61 36.38
CA HIS D 31 1.53 48.80 37.55
C HIS D 31 2.73 47.91 37.29
N LEU D 32 2.86 47.38 36.07
CA LEU D 32 3.91 46.44 35.72
C LEU D 32 4.86 47.11 34.74
N SER D 33 6.17 46.99 35.02
CA SER D 33 7.20 47.66 34.22
C SER D 33 7.75 46.69 33.19
N VAL D 34 7.00 46.50 32.11
CA VAL D 34 7.45 45.66 31.01
C VAL D 34 7.41 46.41 29.69
N VAL D 35 6.52 47.39 29.59
CA VAL D 35 6.22 48.16 28.37
C VAL D 35 6.38 47.28 27.14
N PRO D 36 5.53 46.28 26.95
CA PRO D 36 5.80 45.23 25.96
C PRO D 36 5.66 45.74 24.52
N ARG D 37 6.20 44.93 23.61
CA ARG D 37 6.04 45.13 22.17
C ARG D 37 5.18 44.01 21.60
N VAL D 38 4.43 44.35 20.55
CA VAL D 38 3.65 43.35 19.81
C VAL D 38 3.97 43.49 18.33
N GLU D 39 3.76 42.39 17.61
CA GLU D 39 4.04 42.36 16.17
C GLU D 39 3.03 41.43 15.51
N LEU D 40 2.01 42.02 14.90
CA LEU D 40 0.98 41.23 14.23
C LEU D 40 1.55 40.59 12.97
N VAL D 41 1.29 39.29 12.82
CA VAL D 41 1.73 38.52 11.65
C VAL D 41 0.51 37.84 11.07
N ALA D 42 0.25 38.09 9.79
CA ALA D 42 -0.89 37.53 9.09
C ALA D 42 -0.41 36.50 8.07
N MET D 43 -0.98 35.30 8.13
CA MET D 43 -0.61 34.21 7.23
C MET D 43 -1.87 33.59 6.66
N ASN D 44 -1.69 32.72 5.67
CA ASN D 44 -2.79 31.99 5.06
C ASN D 44 -2.53 30.49 5.00
N GLU D 45 -1.39 30.02 5.51
CA GLU D 45 -0.99 28.63 5.40
C GLU D 45 -0.95 27.99 6.79
N THR D 46 -1.40 26.74 6.86
CA THR D 46 -1.41 25.99 8.11
C THR D 46 -0.54 24.73 8.04
N ASP D 47 0.35 24.64 7.06
CA ASP D 47 1.22 23.48 6.94
C ASP D 47 2.31 23.52 8.02
N PRO D 48 2.75 22.36 8.51
CA PRO D 48 3.84 22.35 9.49
C PRO D 48 5.15 22.87 8.92
N LYS D 49 5.32 22.87 7.60
CA LYS D 49 6.53 23.46 7.02
C LYS D 49 6.57 24.95 7.25
N SER D 50 5.45 25.65 7.05
CA SER D 50 5.43 27.09 7.18
C SER D 50 5.38 27.53 8.64
N ILE D 51 4.72 26.77 9.51
CA ILE D 51 4.62 27.16 10.91
C ILE D 51 6.00 27.18 11.56
N ILE D 52 6.75 26.08 11.41
CA ILE D 52 8.06 25.97 12.05
C ILE D 52 9.02 27.01 11.49
N THR D 53 9.06 27.14 10.15
CA THR D 53 9.96 28.11 9.53
C THR D 53 9.61 29.53 9.94
N ARG D 54 8.32 29.86 9.97
CA ARG D 54 7.89 31.21 10.35
C ARG D 54 8.27 31.52 11.79
N ILE D 55 8.02 30.57 12.71
CA ILE D 55 8.33 30.82 14.11
C ILE D 55 9.83 30.93 14.31
N CYS D 56 10.61 30.07 13.64
CA CYS D 56 12.06 30.16 13.78
C CYS D 56 12.60 31.47 13.21
N ASP D 57 12.09 31.91 12.07
CA ASP D 57 12.53 33.17 11.49
C ASP D 57 12.15 34.34 12.39
N LEU D 58 10.97 34.29 13.00
CA LEU D 58 10.58 35.33 13.95
C LEU D 58 11.49 35.34 15.17
N MET D 59 11.85 34.16 15.68
CA MET D 59 12.78 34.08 16.79
C MET D 59 14.14 34.63 16.41
N SER D 60 14.53 34.45 15.14
CA SER D 60 15.78 35.02 14.65
C SER D 60 15.66 36.50 14.33
N ASP D 61 14.44 37.05 14.26
CA ASP D 61 14.27 38.45 13.90
C ASP D 61 14.71 39.37 15.04
N ARG D 62 13.98 39.34 16.16
CA ARG D 62 14.43 40.11 17.33
C ARG D 62 13.89 39.44 18.60
N LYS D 63 14.69 38.53 19.15
CA LYS D 63 14.68 38.17 20.57
C LYS D 63 13.27 38.19 21.18
N ILE D 64 12.39 37.37 20.62
CA ILE D 64 11.02 37.29 21.13
C ILE D 64 10.93 36.24 22.23
N GLN D 65 10.20 36.56 23.31
CA GLN D 65 10.06 35.67 24.45
C GLN D 65 8.73 34.96 24.53
N GLY D 66 7.80 35.22 23.62
CA GLY D 66 6.49 34.59 23.70
C GLY D 66 5.73 34.73 22.41
N VAL D 67 4.67 33.93 22.29
CA VAL D 67 3.82 33.91 21.11
C VAL D 67 2.40 33.58 21.54
N VAL D 68 1.42 34.29 20.99
CA VAL D 68 0.01 33.95 21.12
C VAL D 68 -0.50 33.54 19.75
N PHE D 69 -1.13 32.37 19.68
CA PHE D 69 -1.51 31.76 18.42
C PHE D 69 -3.03 31.75 18.25
N ALA D 70 -3.48 32.00 17.02
CA ALA D 70 -4.89 31.99 16.68
C ALA D 70 -5.08 31.17 15.41
N ASP D 71 -6.33 30.81 15.14
CA ASP D 71 -6.64 29.97 13.99
C ASP D 71 -8.11 30.12 13.65
N ASP D 72 -8.48 29.63 12.46
CA ASP D 72 -9.87 29.59 12.04
C ASP D 72 -10.36 28.20 11.61
N THR D 73 -9.46 27.30 11.23
CA THR D 73 -9.85 25.93 10.93
C THR D 73 -10.09 25.16 12.24
N ASP D 74 -10.71 24.00 12.10
CA ASP D 74 -10.92 23.08 13.22
C ASP D 74 -9.87 21.96 13.22
N GLN D 75 -8.67 22.25 12.75
CA GLN D 75 -7.60 21.25 12.75
C GLN D 75 -7.20 20.88 14.17
N GLU D 76 -7.04 19.59 14.41
CA GLU D 76 -6.66 19.07 15.71
C GLU D 76 -5.17 18.73 15.80
N ALA D 77 -4.38 19.08 14.79
CA ALA D 77 -2.97 18.74 14.75
C ALA D 77 -2.06 19.95 14.73
N ILE D 78 -2.57 21.14 15.06
CA ILE D 78 -1.71 22.30 15.21
C ILE D 78 -1.24 22.45 16.66
N ALA D 79 -2.09 22.07 17.63
CA ALA D 79 -1.68 22.11 19.02
C ALA D 79 -0.46 21.24 19.28
N GLN D 80 -0.40 20.07 18.62
CA GLN D 80 0.73 19.17 18.83
C GLN D 80 2.03 19.77 18.30
N ILE D 81 1.99 20.36 17.11
CA ILE D 81 3.17 21.02 16.55
C ILE D 81 3.60 22.17 17.45
N LEU D 82 2.64 22.96 17.92
CA LEU D 82 2.97 24.09 18.80
C LEU D 82 3.60 23.60 20.09
N ASP D 83 3.06 22.54 20.68
CA ASP D 83 3.62 22.00 21.91
C ASP D 83 5.03 21.49 21.69
N PHE D 84 5.28 20.80 20.58
CA PHE D 84 6.60 20.27 20.30
C PHE D 84 7.61 21.40 20.10
N ILE D 85 7.24 22.43 19.34
CA ILE D 85 8.17 23.53 19.08
C ILE D 85 8.40 24.35 20.34
N SER D 86 7.41 24.43 21.22
CA SER D 86 7.61 25.08 22.51
C SER D 86 8.43 24.23 23.47
N ALA D 87 8.42 22.91 23.29
CA ALA D 87 9.28 22.05 24.10
C ALA D 87 10.74 22.20 23.68
N GLN D 88 11.01 22.15 22.37
CA GLN D 88 12.40 22.25 21.91
C GLN D 88 12.97 23.64 22.17
N THR D 89 12.22 24.68 21.86
CA THR D 89 12.61 26.06 22.12
C THR D 89 11.81 26.57 23.30
N LEU D 90 12.51 26.99 24.35
CA LEU D 90 11.89 27.29 25.65
C LEU D 90 10.96 28.49 25.62
N THR D 91 10.68 29.11 24.48
CA THR D 91 9.73 30.20 24.43
C THR D 91 8.32 29.69 24.71
N PRO D 92 7.62 30.22 25.71
CA PRO D 92 6.26 29.75 25.98
C PRO D 92 5.24 30.38 25.04
N ILE D 93 4.33 29.56 24.53
CA ILE D 93 3.31 30.00 23.59
C ILE D 93 1.94 29.60 24.10
N LEU D 94 0.93 30.43 23.81
CA LEU D 94 -0.44 30.20 24.24
C LEU D 94 -1.36 30.14 23.03
N GLY D 95 -2.29 29.20 23.06
CA GLY D 95 -3.28 29.08 22.00
C GLY D 95 -4.64 29.58 22.44
N ILE D 96 -5.19 30.55 21.73
CA ILE D 96 -6.38 31.26 22.19
C ILE D 96 -7.62 30.98 21.35
N HIS D 97 -7.48 30.51 20.12
CA HIS D 97 -8.64 30.41 19.25
C HIS D 97 -8.39 29.37 18.16
N GLY D 98 -9.47 28.69 17.76
CA GLY D 98 -9.43 27.81 16.62
C GLY D 98 -8.82 26.46 16.86
N GLY D 99 -7.92 26.03 15.97
CA GLY D 99 -7.33 24.71 16.05
C GLY D 99 -6.35 24.53 17.18
N SER D 100 -5.72 25.62 17.65
CA SER D 100 -4.77 25.56 18.73
C SER D 100 -5.42 25.75 20.10
N SER D 101 -6.71 25.46 20.22
CA SER D 101 -7.42 25.55 21.49
C SER D 101 -8.13 24.26 21.85
N MET D 102 -7.82 23.15 21.18
CA MET D 102 -8.38 21.85 21.51
C MET D 102 -7.48 21.18 22.53
N ILE D 103 -8.05 20.79 23.67
CA ILE D 103 -7.27 20.35 24.81
C ILE D 103 -6.52 19.08 24.45
N MET D 104 -5.19 19.12 24.58
CA MET D 104 -4.36 17.94 24.41
C MET D 104 -4.26 17.19 25.73
N ALA D 105 -4.12 15.87 25.65
CA ALA D 105 -4.17 15.02 26.84
C ALA D 105 -3.08 15.42 27.83
N ASP D 106 -1.81 15.24 27.45
CA ASP D 106 -0.71 15.57 28.34
C ASP D 106 0.45 16.12 27.52
N LYS D 107 0.87 17.34 27.85
CA LYS D 107 1.94 18.00 27.13
C LYS D 107 3.29 17.38 27.47
N ASP D 108 4.30 17.74 26.69
CA ASP D 108 5.67 17.34 26.99
C ASP D 108 6.05 17.88 28.36
N GLU D 109 6.64 17.01 29.20
CA GLU D 109 6.84 17.40 30.60
C GLU D 109 7.83 18.56 30.76
N SER D 110 8.62 18.87 29.74
CA SER D 110 9.51 20.01 29.75
C SER D 110 8.98 21.19 28.95
N SER D 111 7.73 21.12 28.48
CA SER D 111 7.18 22.12 27.58
C SER D 111 6.33 23.13 28.34
N MET D 112 6.17 24.30 27.72
CA MET D 112 5.35 25.39 28.25
C MET D 112 4.33 25.75 27.16
N PHE D 113 3.21 25.05 27.15
CA PHE D 113 2.13 25.28 26.19
C PHE D 113 0.82 25.34 26.96
N PHE D 114 0.26 26.54 27.09
CA PHE D 114 -0.95 26.76 27.87
C PHE D 114 -2.07 27.16 26.92
N GLN D 115 -3.18 26.41 26.97
CA GLN D 115 -4.29 26.59 26.05
C GLN D 115 -5.47 27.24 26.77
N PHE D 116 -6.52 27.49 25.99
CA PHE D 116 -7.79 28.02 26.51
C PHE D 116 -8.88 26.97 26.29
N GLY D 117 -9.56 26.59 27.37
CA GLY D 117 -10.64 25.65 27.29
C GLY D 117 -10.73 24.77 28.52
N PRO D 118 -11.82 24.01 28.63
CA PRO D 118 -11.99 23.09 29.76
C PRO D 118 -11.52 21.68 29.48
N SER D 119 -11.18 20.98 30.56
CA SER D 119 -10.69 19.62 30.47
C SER D 119 -11.88 18.66 30.32
N ILE D 120 -11.60 17.36 30.43
CA ILE D 120 -12.67 16.37 30.36
C ILE D 120 -13.40 16.28 31.69
N GLU D 121 -12.67 16.33 32.81
CA GLU D 121 -13.30 16.18 34.12
C GLU D 121 -14.27 17.33 34.40
N GLN D 122 -13.88 18.56 34.07
CA GLN D 122 -14.75 19.70 34.34
C GLN D 122 -16.03 19.62 33.53
N GLN D 123 -15.94 19.15 32.28
CA GLN D 123 -17.13 18.96 31.47
C GLN D 123 -18.08 17.96 32.11
N ALA D 124 -17.54 16.84 32.60
CA ALA D 124 -18.37 15.87 33.30
C ALA D 124 -18.97 16.45 34.56
N SER D 125 -18.18 17.24 35.30
CA SER D 125 -18.68 17.84 36.54
C SER D 125 -19.86 18.76 36.27
N VAL D 126 -19.72 19.67 35.30
CA VAL D 126 -20.84 20.58 35.02
C VAL D 126 -22.02 19.82 34.43
N MET D 127 -21.74 18.80 33.61
CA MET D 127 -22.82 18.01 33.01
C MET D 127 -23.64 17.32 34.08
N LEU D 128 -22.98 16.76 35.09
CA LEU D 128 -23.70 16.16 36.21
C LEU D 128 -24.36 17.23 37.06
N ASN D 129 -23.79 18.45 37.11
CA ASN D 129 -24.38 19.52 37.89
C ASN D 129 -25.73 19.96 37.33
N ILE D 130 -25.84 20.04 36.00
CA ILE D 130 -27.14 20.37 35.41
C ILE D 130 -28.12 19.23 35.62
N MET D 131 -27.64 17.98 35.54
CA MET D 131 -28.50 16.82 35.71
C MET D 131 -29.09 16.77 37.12
N GLU D 132 -28.29 17.11 38.13
CA GLU D 132 -28.78 17.12 39.50
C GLU D 132 -29.85 18.18 39.71
N GLU D 133 -29.75 19.33 39.05
CA GLU D 133 -30.62 20.46 39.33
C GLU D 133 -32.09 20.12 39.07
N TYR D 134 -32.37 19.44 37.95
CA TYR D 134 -33.73 19.07 37.60
C TYR D 134 -34.09 17.64 38.01
N ASP D 135 -33.20 16.97 38.75
CA ASP D 135 -33.48 15.67 39.37
C ASP D 135 -33.76 14.57 38.33
N TRP D 136 -32.84 14.44 37.38
CA TRP D 136 -32.83 13.31 36.46
C TRP D 136 -31.81 12.28 36.93
N TYR D 137 -32.11 11.67 38.08
CA TYR D 137 -31.12 10.89 38.82
C TYR D 137 -30.60 9.70 38.00
N ILE D 138 -31.51 8.87 37.48
CA ILE D 138 -31.09 7.67 36.78
C ILE D 138 -30.35 8.03 35.51
N PHE D 139 -29.29 7.28 35.20
CA PHE D 139 -28.50 7.56 34.01
C PHE D 139 -27.70 6.33 33.62
N SER D 140 -27.15 6.37 32.41
CA SER D 140 -26.28 5.32 31.90
C SER D 140 -25.26 5.95 30.97
N ILE D 141 -24.14 5.26 30.77
CA ILE D 141 -23.02 5.77 30.01
C ILE D 141 -22.63 4.76 28.94
N VAL D 142 -22.40 5.26 27.72
CA VAL D 142 -21.81 4.48 26.64
C VAL D 142 -20.57 5.23 26.14
N THR D 143 -19.49 4.50 25.91
CA THR D 143 -18.22 5.12 25.52
C THR D 143 -17.55 4.26 24.46
N THR D 144 -16.53 4.83 23.82
CA THR D 144 -15.69 4.12 22.87
C THR D 144 -14.22 4.27 23.25
N TYR D 145 -13.31 3.83 22.38
CA TYR D 145 -11.88 3.99 22.61
C TYR D 145 -11.49 5.42 22.24
N PHE D 146 -11.62 6.31 23.21
CA PHE D 146 -11.27 7.71 23.03
C PHE D 146 -10.65 8.23 24.32
N PRO D 147 -9.87 9.31 24.24
CA PRO D 147 -9.20 9.84 25.43
C PRO D 147 -10.18 10.14 26.56
N GLY D 148 -9.74 9.85 27.78
CA GLY D 148 -10.48 10.23 28.95
C GLY D 148 -11.72 9.41 29.23
N TYR D 149 -12.04 8.41 28.40
CA TYR D 149 -13.18 7.56 28.68
C TYR D 149 -13.03 6.89 30.03
N GLN D 150 -11.83 6.35 30.30
CA GLN D 150 -11.52 5.87 31.65
C GLN D 150 -11.64 7.01 32.66
N ASP D 151 -11.11 8.18 32.32
CA ASP D 151 -11.22 9.34 33.21
C ASP D 151 -12.65 9.83 33.30
N PHE D 152 -13.41 9.76 32.20
CA PHE D 152 -14.80 10.16 32.23
C PHE D 152 -15.61 9.32 33.21
N VAL D 153 -15.51 8.00 33.09
CA VAL D 153 -16.25 7.13 33.99
C VAL D 153 -15.68 7.20 35.40
N ASN D 154 -14.38 7.47 35.55
CA ASN D 154 -13.81 7.58 36.89
C ASN D 154 -14.29 8.84 37.60
N LYS D 155 -14.41 9.95 36.87
CA LYS D 155 -14.98 11.16 37.45
C LYS D 155 -16.45 10.96 37.77
N ILE D 156 -17.18 10.24 36.92
CA ILE D 156 -18.57 9.95 37.22
C ILE D 156 -18.68 9.12 38.50
N ARG D 157 -17.83 8.11 38.65
CA ARG D 157 -17.87 7.22 39.80
C ARG D 157 -17.35 7.88 41.07
N SER D 158 -16.46 8.87 40.94
CA SER D 158 -15.88 9.49 42.13
C SER D 158 -16.88 10.40 42.83
N THR D 159 -17.68 11.15 42.07
CA THR D 159 -18.68 12.04 42.64
C THR D 159 -20.04 11.37 42.82
N ILE D 160 -20.18 10.10 42.44
CA ILE D 160 -21.46 9.43 42.56
C ILE D 160 -21.73 9.03 44.02
N GLU D 161 -20.68 8.88 44.82
CA GLU D 161 -20.82 8.43 46.19
C GLU D 161 -20.49 9.48 47.24
N ASN D 162 -19.88 10.60 46.85
CA ASN D 162 -19.56 11.67 47.79
C ASN D 162 -20.76 12.57 48.07
N SER D 163 -21.88 12.37 47.39
CA SER D 163 -23.08 13.15 47.60
C SER D 163 -24.19 12.26 48.15
N PHE D 164 -25.04 12.84 49.00
CA PHE D 164 -26.10 12.08 49.64
C PHE D 164 -27.23 11.75 48.68
N VAL D 165 -27.34 12.47 47.57
CA VAL D 165 -28.41 12.21 46.60
C VAL D 165 -28.19 10.83 45.97
N GLY D 166 -29.29 10.13 45.74
CA GLY D 166 -29.24 8.74 45.32
C GLY D 166 -29.16 8.47 43.84
N TRP D 167 -27.99 8.69 43.23
CA TRP D 167 -27.79 8.29 41.85
C TRP D 167 -27.88 6.77 41.72
N GLU D 168 -28.42 6.32 40.58
CA GLU D 168 -28.59 4.89 40.29
C GLU D 168 -28.08 4.62 38.88
N LEU D 169 -26.79 4.32 38.76
CA LEU D 169 -26.17 4.09 37.47
C LEU D 169 -26.37 2.63 37.05
N GLU D 170 -26.46 2.41 35.74
CA GLU D 170 -26.59 1.06 35.20
C GLU D 170 -25.96 1.00 33.82
N GLU D 171 -25.25 -0.09 33.55
CA GLU D 171 -24.71 -0.43 32.22
C GLU D 171 -23.52 0.45 31.83
N VAL D 172 -22.50 -0.17 31.26
CA VAL D 172 -21.30 0.51 30.77
C VAL D 172 -20.84 -0.20 29.51
N LEU D 173 -20.40 0.56 28.51
CA LEU D 173 -19.95 0.02 27.24
C LEU D 173 -18.50 0.40 26.98
N LEU D 174 -17.78 -0.50 26.30
CA LEU D 174 -16.38 -0.29 25.94
C LEU D 174 -16.15 -0.41 24.43
N LEU D 175 -17.16 -0.85 23.69
CA LEU D 175 -17.02 -1.11 22.25
C LEU D 175 -16.58 0.16 21.51
N ASP D 176 -15.68 -0.02 20.55
CA ASP D 176 -15.17 1.07 19.72
C ASP D 176 -15.66 0.90 18.29
N MET D 177 -15.68 2.01 17.56
CA MET D 177 -16.19 2.05 16.19
C MET D 177 -15.15 1.63 15.14
N SER D 178 -13.93 1.30 15.56
CA SER D 178 -12.88 0.94 14.63
C SER D 178 -12.92 -0.51 14.20
N LEU D 179 -13.87 -1.30 14.72
CA LEU D 179 -13.98 -2.70 14.34
C LEU D 179 -14.39 -2.84 12.88
N ASP D 180 -13.96 -3.94 12.27
CA ASP D 180 -14.27 -4.23 10.87
C ASP D 180 -15.33 -5.32 10.79
N ASP D 181 -16.39 -5.04 10.03
CA ASP D 181 -17.49 -5.99 9.82
C ASP D 181 -18.16 -6.39 11.13
N GLY D 182 -18.17 -5.49 12.10
CA GLY D 182 -18.79 -5.75 13.39
C GLY D 182 -20.08 -5.00 13.60
N ASP D 183 -20.71 -4.54 12.51
CA ASP D 183 -21.90 -3.72 12.61
C ASP D 183 -23.05 -4.46 13.29
N SER D 184 -23.14 -5.77 13.09
CA SER D 184 -24.19 -6.54 13.75
C SER D 184 -24.07 -6.47 15.27
N LYS D 185 -22.84 -6.58 15.78
CA LYS D 185 -22.63 -6.52 17.22
C LYS D 185 -23.01 -5.15 17.78
N ILE D 186 -22.61 -4.07 17.08
CA ILE D 186 -22.93 -2.74 17.57
C ILE D 186 -24.44 -2.51 17.52
N GLN D 187 -25.11 -3.03 16.48
CA GLN D 187 -26.56 -2.89 16.40
C GLN D 187 -27.26 -3.63 17.53
N ASN D 188 -26.82 -4.86 17.81
CA ASN D 188 -27.41 -5.60 18.92
C ASN D 188 -27.18 -4.89 20.24
N GLN D 189 -25.97 -4.36 20.46
CA GLN D 189 -25.68 -3.68 21.71
C GLN D 189 -26.52 -2.43 21.88
N LEU D 190 -26.66 -1.63 20.83
CA LEU D 190 -27.44 -0.40 20.98
C LEU D 190 -28.92 -0.70 21.09
N LYS D 191 -29.38 -1.78 20.46
CA LYS D 191 -30.76 -2.21 20.64
C LYS D 191 -31.01 -2.68 22.06
N LYS D 192 -30.00 -3.26 22.71
CA LYS D 192 -30.16 -3.72 24.09
C LYS D 192 -30.48 -2.57 25.02
N LEU D 193 -29.81 -1.42 24.85
CA LEU D 193 -29.94 -0.32 25.80
C LEU D 193 -31.35 0.24 25.81
N GLN D 194 -31.89 0.47 27.02
CA GLN D 194 -33.19 1.10 27.20
C GLN D 194 -33.21 2.08 28.36
N SER D 195 -32.05 2.55 28.82
CA SER D 195 -32.00 3.38 30.01
C SER D 195 -32.59 4.76 29.76
N PRO D 196 -33.15 5.41 30.80
CA PRO D 196 -33.79 6.73 30.59
C PRO D 196 -32.84 7.83 30.15
N ILE D 197 -31.78 8.07 30.92
CA ILE D 197 -30.81 9.12 30.63
C ILE D 197 -29.51 8.46 30.20
N ILE D 198 -28.99 8.85 29.04
CA ILE D 198 -27.75 8.32 28.52
C ILE D 198 -26.79 9.47 28.28
N LEU D 199 -25.52 9.26 28.63
CA LEU D 199 -24.45 10.22 28.38
C LEU D 199 -23.47 9.60 27.40
N LEU D 200 -23.36 10.19 26.22
CA LEU D 200 -22.55 9.62 25.16
C LEU D 200 -21.14 10.19 25.18
N TYR D 201 -20.24 9.50 24.47
CA TYR D 201 -18.84 9.93 24.36
C TYR D 201 -18.34 9.46 23.00
N CYS D 202 -18.37 10.36 22.02
CA CYS D 202 -17.89 10.07 20.67
C CYS D 202 -17.66 11.39 19.96
N THR D 203 -17.01 11.31 18.80
CA THR D 203 -16.61 12.50 18.05
C THR D 203 -17.21 12.46 16.65
N LYS D 204 -17.35 13.66 16.07
CA LYS D 204 -18.21 13.86 14.90
C LYS D 204 -17.85 12.91 13.76
N GLU D 205 -16.56 12.68 13.51
CA GLU D 205 -16.16 11.76 12.45
C GLU D 205 -16.80 10.39 12.65
N GLU D 206 -16.83 9.91 13.88
CA GLU D 206 -17.53 8.68 14.22
C GLU D 206 -18.95 8.92 14.72
N ALA D 207 -19.23 10.11 15.27
CA ALA D 207 -20.56 10.39 15.79
C ALA D 207 -21.59 10.45 14.67
N THR D 208 -21.19 10.86 13.46
CA THR D 208 -22.11 10.83 12.34
C THR D 208 -22.62 9.41 12.09
N TYR D 209 -21.70 8.45 12.02
CA TYR D 209 -22.08 7.06 11.82
C TYR D 209 -22.86 6.52 13.01
N ILE D 210 -22.47 6.89 14.22
CA ILE D 210 -23.17 6.42 15.42
C ILE D 210 -24.62 6.91 15.40
N PHE D 211 -24.82 8.19 15.11
CA PHE D 211 -26.17 8.75 15.04
C PHE D 211 -26.95 8.11 13.91
N GLU D 212 -26.30 7.87 12.77
CA GLU D 212 -26.97 7.25 11.64
C GLU D 212 -27.49 5.86 11.99
N VAL D 213 -26.64 5.04 12.62
CA VAL D 213 -27.06 3.68 12.96
C VAL D 213 -28.12 3.71 14.06
N ALA D 214 -27.97 4.62 15.02
CA ALA D 214 -28.97 4.73 16.08
C ALA D 214 -30.34 5.12 15.53
N ASN D 215 -30.37 6.05 14.57
CA ASN D 215 -31.63 6.43 13.96
C ASN D 215 -32.18 5.32 13.07
N SER D 216 -31.29 4.61 12.36
CA SER D 216 -31.73 3.54 11.47
C SER D 216 -32.38 2.41 12.25
N VAL D 217 -31.79 2.02 13.39
CA VAL D 217 -32.39 0.98 14.21
C VAL D 217 -33.73 1.44 14.77
N GLY D 218 -33.80 2.69 15.22
CA GLY D 218 -35.04 3.27 15.68
C GLY D 218 -35.11 3.64 17.15
N LEU D 219 -34.00 3.65 17.86
CA LEU D 219 -33.97 4.00 19.28
C LEU D 219 -33.75 5.50 19.49
N THR D 220 -34.56 6.32 18.81
CA THR D 220 -34.35 7.76 18.85
C THR D 220 -35.65 8.56 18.98
N GLY D 221 -36.77 7.94 19.27
CA GLY D 221 -38.05 8.63 19.15
C GLY D 221 -38.34 9.72 20.16
N TYR D 222 -38.68 9.36 21.40
CA TYR D 222 -39.00 10.37 22.39
C TYR D 222 -38.15 10.27 23.66
N GLY D 223 -38.07 9.09 24.24
CA GLY D 223 -37.49 8.94 25.56
C GLY D 223 -35.99 9.04 25.60
N TYR D 224 -35.37 9.30 24.45
CA TYR D 224 -33.91 9.30 24.33
C TYR D 224 -33.42 10.75 24.44
N THR D 225 -33.47 11.26 25.67
CA THR D 225 -32.98 12.61 25.98
C THR D 225 -31.48 12.53 26.21
N TRP D 226 -30.74 12.50 25.10
CA TRP D 226 -29.30 12.37 25.16
C TRP D 226 -28.67 13.60 25.82
N ILE D 227 -27.49 13.39 26.40
CA ILE D 227 -26.66 14.46 26.93
C ILE D 227 -25.25 14.26 26.41
N VAL D 228 -24.68 15.30 25.82
CA VAL D 228 -23.42 15.17 25.10
C VAL D 228 -22.45 16.24 25.57
N PRO D 229 -21.14 16.00 25.46
CA PRO D 229 -20.15 17.04 25.78
C PRO D 229 -19.97 18.03 24.64
N SER D 230 -19.01 18.95 24.78
CA SER D 230 -18.82 19.99 23.78
C SER D 230 -18.37 19.43 22.43
N LEU D 231 -17.45 18.45 22.45
CA LEU D 231 -16.85 17.98 21.21
C LEU D 231 -17.84 17.24 20.33
N VAL D 232 -18.98 16.82 20.86
CA VAL D 232 -20.03 16.22 20.03
C VAL D 232 -20.66 17.28 19.14
N ALA D 233 -20.89 18.48 19.69
CA ALA D 233 -21.53 19.54 18.93
C ALA D 233 -20.69 19.94 17.72
N GLY D 234 -19.37 20.01 17.88
CA GLY D 234 -18.51 20.42 16.80
C GLY D 234 -18.63 21.89 16.48
N ASP D 235 -19.23 22.22 15.34
CA ASP D 235 -19.50 23.60 14.95
C ASP D 235 -21.00 23.84 15.03
N THR D 236 -21.38 24.95 15.70
CA THR D 236 -22.79 25.26 15.86
C THR D 236 -23.48 25.48 14.52
N ASP D 237 -22.83 26.20 13.60
CA ASP D 237 -23.45 26.57 12.34
C ASP D 237 -23.72 25.36 11.44
N THR D 238 -23.03 24.24 11.66
CA THR D 238 -23.17 23.06 10.82
C THR D 238 -23.84 21.95 11.60
N VAL D 239 -24.73 21.22 10.92
CA VAL D 239 -25.50 20.15 11.55
C VAL D 239 -25.36 18.87 10.74
N PRO D 240 -25.10 17.72 11.37
CA PRO D 240 -25.01 16.45 10.64
C PRO D 240 -26.36 15.88 10.21
N SER D 241 -27.46 16.53 10.60
CA SER D 241 -28.84 16.26 10.19
C SER D 241 -29.46 15.06 10.88
N GLU D 242 -28.78 14.39 11.82
CA GLU D 242 -29.43 13.32 12.58
C GLU D 242 -30.01 13.89 13.88
N PHE D 243 -29.13 14.36 14.78
CA PHE D 243 -29.40 15.30 15.87
C PHE D 243 -30.81 15.23 16.43
N PRO D 244 -31.19 14.14 17.10
CA PRO D 244 -32.56 14.06 17.65
C PRO D 244 -32.87 15.25 18.55
N THR D 245 -34.07 15.79 18.39
CA THR D 245 -34.47 16.98 19.12
C THR D 245 -34.55 16.68 20.62
N GLY D 246 -34.16 17.66 21.42
CA GLY D 246 -33.99 17.48 22.85
C GLY D 246 -32.55 17.30 23.27
N LEU D 247 -31.61 17.33 22.33
CA LEU D 247 -30.19 17.25 22.67
C LEU D 247 -29.77 18.45 23.51
N ILE D 248 -29.05 18.19 24.59
CA ILE D 248 -28.51 19.24 25.44
C ILE D 248 -27.01 19.00 25.59
N SER D 249 -26.25 20.08 25.63
CA SER D 249 -24.79 19.98 25.75
C SER D 249 -24.26 21.30 26.29
N VAL D 250 -23.01 21.25 26.74
CA VAL D 250 -22.31 22.41 27.28
C VAL D 250 -21.10 22.69 26.41
N SER D 251 -20.92 23.96 26.02
CA SER D 251 -19.84 24.35 25.12
C SER D 251 -19.16 25.60 25.66
N TYR D 252 -17.88 25.73 25.32
CA TYR D 252 -17.12 26.93 25.72
C TYR D 252 -17.74 28.16 25.06
N ASP D 253 -17.69 29.28 25.78
CA ASP D 253 -18.29 30.53 25.30
C ASP D 253 -17.58 31.01 24.04
N GLU D 254 -18.25 30.90 22.90
CA GLU D 254 -17.69 31.30 21.63
C GLU D 254 -18.41 32.48 20.99
N TRP D 255 -19.41 33.05 21.66
CA TRP D 255 -20.18 34.17 21.12
C TRP D 255 -19.92 35.49 21.82
N ASP D 256 -19.80 35.49 23.14
CA ASP D 256 -19.59 36.72 23.89
C ASP D 256 -18.14 36.92 24.30
N TYR D 257 -17.22 36.08 23.83
CA TYR D 257 -15.80 36.21 24.09
C TYR D 257 -15.11 36.38 22.74
N GLY D 258 -14.96 37.64 22.30
CA GLY D 258 -14.41 37.90 20.99
C GLY D 258 -12.91 37.75 20.94
N LEU D 259 -12.41 37.70 19.71
CA LEU D 259 -10.97 37.60 19.49
C LEU D 259 -10.16 38.73 20.11
N PRO D 260 -10.56 40.01 20.00
CA PRO D 260 -9.76 41.08 20.64
C PRO D 260 -9.59 40.87 22.14
N ALA D 261 -10.63 40.41 22.83
CA ALA D 261 -10.51 40.16 24.27
C ALA D 261 -9.50 39.07 24.56
N ARG D 262 -9.51 37.99 23.77
CA ARG D 262 -8.55 36.92 23.97
C ARG D 262 -7.13 37.39 23.72
N VAL D 263 -6.92 38.17 22.66
CA VAL D 263 -5.58 38.68 22.37
C VAL D 263 -5.11 39.58 23.52
N ARG D 264 -6.00 40.47 23.98
CA ARG D 264 -5.65 41.38 25.05
C ARG D 264 -5.27 40.63 26.32
N ASP D 265 -6.06 39.61 26.70
CA ASP D 265 -5.78 38.95 27.96
C ASP D 265 -4.57 38.01 27.86
N GLY D 266 -4.29 37.46 26.68
CA GLY D 266 -3.06 36.71 26.52
C GLY D 266 -1.83 37.58 26.66
N ILE D 267 -1.84 38.73 25.99
CA ILE D 267 -0.73 39.66 26.17
C ILE D 267 -0.63 40.06 27.64
N ALA D 268 -1.78 40.28 28.29
CA ALA D 268 -1.77 40.71 29.68
C ALA D 268 -1.16 39.65 30.59
N ILE D 269 -1.52 38.38 30.40
CA ILE D 269 -0.98 37.34 31.27
C ILE D 269 0.52 37.18 31.07
N ILE D 270 0.98 37.17 29.82
CA ILE D 270 2.42 37.02 29.60
C ILE D 270 3.17 38.19 30.23
N THR D 271 2.68 39.42 30.00
CA THR D 271 3.35 40.60 30.53
C THR D 271 3.34 40.60 32.06
N THR D 272 2.21 40.24 32.67
CA THR D 272 2.12 40.26 34.12
C THR D 272 3.08 39.26 34.74
N ALA D 273 3.14 38.04 34.20
CA ALA D 273 4.07 37.05 34.75
C ALA D 273 5.52 37.51 34.59
N ALA D 274 5.87 37.99 33.39
CA ALA D 274 7.25 38.43 33.16
C ALA D 274 7.61 39.59 34.08
N SER D 275 6.71 40.55 34.23
CA SER D 275 6.99 41.72 35.05
C SER D 275 7.10 41.36 36.52
N ASP D 276 6.24 40.46 37.00
CA ASP D 276 6.34 40.03 38.39
C ASP D 276 7.67 39.35 38.66
N MET D 277 8.09 38.45 37.77
CA MET D 277 9.39 37.80 37.98
C MET D 277 10.53 38.81 37.89
N LEU D 278 10.44 39.78 36.97
CA LEU D 278 11.49 40.78 36.85
C LEU D 278 11.56 41.64 38.11
N SER D 279 10.42 42.00 38.69
CA SER D 279 10.42 42.78 39.91
C SER D 279 10.98 41.98 41.08
N GLU D 280 10.69 40.69 41.14
CA GLU D 280 11.15 39.89 42.28
C GLU D 280 12.63 39.53 42.16
N HIS D 281 12.99 38.77 41.12
CA HIS D 281 14.34 38.24 41.01
C HIS D 281 15.31 39.16 40.28
N SER D 282 14.81 40.18 39.58
CA SER D 282 15.65 41.18 38.92
C SER D 282 16.49 40.60 37.79
N PHE D 283 15.92 39.64 37.06
CA PHE D 283 16.51 39.20 35.79
C PHE D 283 15.43 38.56 34.93
N ILE D 284 15.69 38.52 33.64
CA ILE D 284 14.73 38.00 32.66
C ILE D 284 15.46 37.06 31.71
N PRO D 285 14.92 35.86 31.46
CA PRO D 285 15.58 34.93 30.55
C PRO D 285 15.61 35.46 29.12
N GLU D 286 16.63 35.05 28.38
CA GLU D 286 16.79 35.44 26.98
C GLU D 286 17.41 34.30 26.18
N PRO D 287 16.64 33.64 25.32
CA PRO D 287 17.20 32.57 24.49
C PRO D 287 18.02 33.12 23.34
N LYS D 288 18.92 32.26 22.84
CA LYS D 288 19.75 32.65 21.70
C LYS D 288 18.90 32.77 20.45
N SER D 289 19.46 33.45 19.44
CA SER D 289 18.77 33.72 18.19
C SER D 289 18.84 32.55 17.20
N SER D 290 19.18 31.36 17.66
CA SER D 290 19.29 30.18 16.81
C SER D 290 18.14 29.23 17.14
N CYS D 291 17.23 29.03 16.18
CA CYS D 291 16.12 28.11 16.40
C CYS D 291 16.57 26.66 16.33
N TYR D 292 17.40 26.32 15.34
CA TYR D 292 17.78 24.94 15.13
C TYR D 292 18.80 24.45 16.16
N ASN D 293 19.75 25.30 16.54
CA ASN D 293 20.89 24.89 17.34
C ASN D 293 20.66 25.06 18.84
N THR D 294 19.43 24.91 19.30
CA THR D 294 19.11 25.02 20.73
C THR D 294 19.64 23.85 21.56
N HIS D 295 20.44 22.95 21.00
CA HIS D 295 20.96 21.83 21.78
C HIS D 295 21.84 22.33 22.93
N GLU D 296 22.70 23.31 22.66
CA GLU D 296 23.56 23.89 23.67
C GLU D 296 23.03 25.21 24.21
N LYS D 297 21.89 25.69 23.71
CA LYS D 297 21.31 26.95 24.14
C LYS D 297 20.45 26.82 25.39
N ARG D 298 20.29 25.61 25.92
CA ARG D 298 19.51 25.37 27.12
C ARG D 298 20.35 25.46 28.40
N ILE D 299 21.46 26.22 28.36
CA ILE D 299 22.32 26.35 29.53
C ILE D 299 21.57 27.01 30.68
N TYR D 300 20.75 28.01 30.37
CA TYR D 300 19.95 28.71 31.37
C TYR D 300 18.54 28.14 31.36
N GLN D 301 18.19 27.39 32.40
CA GLN D 301 16.85 26.85 32.52
C GLN D 301 15.84 27.96 32.78
N SER D 302 14.64 27.78 32.23
CA SER D 302 13.58 28.77 32.32
C SER D 302 12.33 28.19 32.97
N ASN D 303 12.51 27.32 33.96
CA ASN D 303 11.38 26.77 34.70
C ASN D 303 10.77 27.78 35.66
N MET D 304 11.47 28.87 35.97
CA MET D 304 10.90 29.89 36.84
C MET D 304 9.67 30.53 36.22
N LEU D 305 9.70 30.77 34.91
CA LEU D 305 8.49 31.24 34.23
C LEU D 305 7.38 30.20 34.32
N ASN D 306 7.72 28.93 34.13
CA ASN D 306 6.71 27.88 34.19
C ASN D 306 6.08 27.79 35.58
N ARG D 307 6.82 28.16 36.62
CA ARG D 307 6.25 28.21 37.95
C ARG D 307 5.66 29.57 38.29
N TYR D 308 5.83 30.57 37.42
CA TYR D 308 5.32 31.91 37.65
C TYR D 308 4.26 32.32 36.64
N LEU D 309 3.90 31.45 35.70
CA LEU D 309 2.91 31.75 34.67
C LEU D 309 1.54 31.17 34.95
N ILE D 310 1.39 30.34 36.00
CA ILE D 310 0.15 29.63 36.24
C ILE D 310 -0.66 30.24 37.38
N ASN D 311 -0.18 31.33 37.99
CA ASN D 311 -0.91 32.02 39.05
C ASN D 311 -0.83 33.52 38.77
N VAL D 312 -1.80 34.02 38.00
CA VAL D 312 -1.83 35.42 37.61
C VAL D 312 -3.28 35.90 37.64
N THR D 313 -3.49 37.07 38.23
CA THR D 313 -4.81 37.66 38.30
C THR D 313 -4.73 39.15 37.99
N PHE D 314 -5.71 39.66 37.24
CA PHE D 314 -5.78 41.08 36.95
C PHE D 314 -7.20 41.41 36.53
N GLU D 315 -7.60 42.67 36.78
CA GLU D 315 -8.95 43.14 36.49
C GLU D 315 -10.01 42.29 37.19
N GLY D 316 -9.66 41.74 38.35
CA GLY D 316 -10.58 40.91 39.10
C GLY D 316 -10.96 39.60 38.43
N ARG D 317 -10.02 39.00 37.70
CA ARG D 317 -10.24 37.69 37.07
C ARG D 317 -9.13 36.74 37.50
N ASP D 318 -9.48 35.46 37.60
CA ASP D 318 -8.53 34.41 37.93
C ASP D 318 -8.26 33.61 36.67
N LEU D 319 -7.06 33.77 36.12
CA LEU D 319 -6.63 33.09 34.90
C LEU D 319 -5.60 32.01 35.19
N SER D 320 -5.74 31.33 36.32
CA SER D 320 -4.75 30.36 36.75
C SER D 320 -4.86 29.10 35.91
N PHE D 321 -3.77 28.73 35.26
CA PHE D 321 -3.71 27.47 34.53
C PHE D 321 -3.46 26.33 35.50
N SER D 322 -3.13 25.15 34.98
CA SER D 322 -2.88 23.98 35.79
C SER D 322 -1.62 23.28 35.30
N GLU D 323 -1.26 22.18 35.96
CA GLU D 323 -0.07 21.43 35.57
C GLU D 323 -0.22 20.86 34.16
N GLU D 324 -1.40 20.35 33.83
CA GLU D 324 -1.64 19.83 32.48
C GLU D 324 -1.83 20.95 31.46
N GLY D 325 -2.20 22.15 31.91
CA GLY D 325 -2.19 23.31 31.05
C GLY D 325 -3.53 23.86 30.60
N TYR D 326 -4.65 23.36 31.15
CA TYR D 326 -5.94 23.88 30.74
C TYR D 326 -6.27 25.15 31.52
N GLN D 327 -7.45 25.71 31.28
CA GLN D 327 -7.80 27.01 31.84
C GLN D 327 -8.08 26.92 33.33
N MET D 328 -8.66 25.81 33.79
CA MET D 328 -8.85 25.49 35.20
C MET D 328 -9.94 26.38 35.83
N HIS D 329 -10.38 27.40 35.10
CA HIS D 329 -11.48 28.25 35.54
C HIS D 329 -12.13 28.93 34.34
N PRO D 330 -12.73 28.18 33.43
CA PRO D 330 -13.28 28.80 32.22
C PRO D 330 -14.66 29.38 32.44
N LYS D 331 -15.27 29.88 31.37
CA LYS D 331 -16.67 30.29 31.37
C LYS D 331 -17.40 29.42 30.36
N LEU D 332 -18.32 28.60 30.84
CA LEU D 332 -19.03 27.65 30.00
C LEU D 332 -20.48 28.07 29.89
N VAL D 333 -21.08 27.84 28.73
CA VAL D 333 -22.49 28.14 28.50
C VAL D 333 -23.18 26.86 28.05
N ILE D 334 -24.48 26.81 28.29
CA ILE D 334 -25.30 25.64 27.97
C ILE D 334 -26.27 26.02 26.87
N ILE D 335 -26.39 25.17 25.86
CA ILE D 335 -27.27 25.41 24.73
C ILE D 335 -28.25 24.25 24.57
N LEU D 336 -29.32 24.50 23.81
CA LEU D 336 -30.37 23.53 23.61
C LEU D 336 -30.78 23.52 22.14
N LEU D 337 -31.24 22.37 21.68
CA LEU D 337 -31.67 22.18 20.30
C LEU D 337 -33.20 22.11 20.27
N ASN D 338 -33.81 23.03 19.53
CA ASN D 338 -35.26 23.09 19.41
C ASN D 338 -35.71 22.38 18.14
N LYS D 339 -36.99 22.55 17.77
CA LYS D 339 -37.53 21.88 16.60
C LYS D 339 -36.74 22.25 15.35
N GLU D 340 -36.56 23.55 15.09
CA GLU D 340 -35.69 23.97 14.02
C GLU D 340 -34.24 23.61 14.35
N ARG D 341 -33.50 23.16 13.34
CA ARG D 341 -32.17 22.60 13.56
C ARG D 341 -31.18 23.73 13.85
N LYS D 342 -31.28 24.25 15.07
CA LYS D 342 -30.38 25.31 15.53
C LYS D 342 -30.26 25.22 17.05
N TRP D 343 -29.22 25.83 17.58
CA TRP D 343 -28.93 25.81 19.01
C TRP D 343 -29.30 27.14 19.64
N GLU D 344 -29.78 27.10 20.89
CA GLU D 344 -30.18 28.29 21.62
C GLU D 344 -29.58 28.26 23.02
N ARG D 345 -29.02 29.38 23.44
CA ARG D 345 -28.41 29.48 24.77
C ARG D 345 -29.48 29.50 25.85
N VAL D 346 -29.14 28.94 27.02
CA VAL D 346 -30.04 28.90 28.16
C VAL D 346 -29.43 29.54 29.41
N GLY D 347 -28.17 29.25 29.71
CA GLY D 347 -27.59 29.69 30.96
C GLY D 347 -26.07 29.76 30.91
N LYS D 348 -25.50 30.19 32.03
CA LYS D 348 -24.07 30.42 32.15
C LYS D 348 -23.55 29.83 33.46
N TRP D 349 -22.35 29.27 33.41
CA TRP D 349 -21.73 28.60 34.55
C TRP D 349 -20.35 29.20 34.80
N LYS D 350 -20.13 29.68 36.02
CA LYS D 350 -18.86 30.31 36.37
C LYS D 350 -18.63 30.16 37.87
N ASP D 351 -17.39 29.83 38.24
CA ASP D 351 -16.98 29.69 39.64
C ASP D 351 -17.82 28.64 40.37
N LYS D 352 -18.05 27.50 39.70
CA LYS D 352 -18.82 26.39 40.25
C LYS D 352 -20.21 26.83 40.69
N SER D 353 -20.84 27.72 39.92
CA SER D 353 -22.19 28.20 40.20
C SER D 353 -22.97 28.21 38.90
N LEU D 354 -24.17 27.62 38.93
CA LEU D 354 -25.00 27.50 37.74
C LEU D 354 -26.14 28.52 37.82
N GLN D 355 -26.25 29.36 36.80
CA GLN D 355 -27.31 30.36 36.69
C GLN D 355 -27.99 30.19 35.35
N MET D 356 -29.19 29.61 35.36
CA MET D 356 -29.93 29.32 34.14
C MET D 356 -31.18 30.18 34.06
N LYS D 357 -31.88 30.06 32.94
CA LYS D 357 -33.11 30.81 32.72
C LYS D 357 -34.32 29.88 32.60
#